data_9JFK
#
_entry.id   9JFK
#
_cell.length_a   1.00
_cell.length_b   1.00
_cell.length_c   1.00
_cell.angle_alpha   90.00
_cell.angle_beta   90.00
_cell.angle_gamma   90.00
#
_symmetry.space_group_name_H-M   'P 1'
#
loop_
_entity.id
_entity.type
_entity.pdbx_description
1 polymer 'Guanine nucleotide-binding protein G(I)/G(S)/G(T) subunit beta-1'
2 polymer 'G subunit q (gi2-mini-gq chimeric)'
3 polymer 'Guanine nucleotide-binding protein G(I)/G(S)/G(O) subunit gamma-2'
4 polymer 'Nano body 35'
5 polymer 'Urotensin-2 receptor'
6 polymer ASP-LE1-PHE-TRP-LYS-TYR-CYS-VAL
7 non-polymer 'GLYCOCHENODEOXYCHOLIC ACID'
#
loop_
_entity_poly.entity_id
_entity_poly.type
_entity_poly.pdbx_seq_one_letter_code
_entity_poly.pdbx_strand_id
1 'polypeptide(L)'
;MGSLLQSELDQLRQEAEQLKNQIRDARKACADATLSQITNNIDPVGRIQMRTRRTLRGHLAKIYAMHWGTDSRLLVSASQ
DGKLIIWDSYTTNKVHAIPLRSSWVMTCAYAPSGNYVACGGLDNICSIYNLKTREGNVRVSRELAGHTGYLSCCRFLDDN
QIVTSSGDTTCALWDIETGQQTTTFTGHTGDVMSLSLAPDTRLFVSGACDASAKLWDVREGMCRQTFTGHESDINAICFF
PNGNAFATGSDDATCRLFDLRADQELMTYSHDNIICGITSVSFSKSGRLLLAGYDDFNCNVWDALKADRAGVLAGHDNRV
SCLGVTDDGMAVATGSWDSFLKIWN
;
A
2 'polypeptide(L)'
;MGSTVSAEDKAAAERSKMIDKNLREDGEKARRTLRLLLLGADNSGKSTIVKQMRILHGGSGGSGGTSGIFETKFQVDKVN
FHMFDVGGQRDERRKWIQCFNDVTAIIFVVDSSDYNRLQEALNDFKSIWNNRWLRTISVILFLNKQDLLAEKVLAGKSKI
EDYFPEFARYTTPEDATPEPGEDPRVTRAKYFIRKEFVDISTASGDGRHICYPHFTCAVDTENARRIFNDCKDIILQMNL
REYNLV
;
B
3 'polypeptide(L)' ASNNTASIAQARKLVEQLKMEANIDRIKVSKAAADLMAYCEAHAKEDPLLTPVPASENPFREKKFFCAIL D
4 'polypeptide(L)'
;QVQLQESGGGLVQPGGSLRLSCAASGFTFSNYKMNWVRQAPGKGLEWVSDISQSGASISYTGSVKGRFTISRDNAKNTLY
LQMNSLKPEDTAVYYCARCPAPFTRDCFDVTSTTYAYRGQGTQVTVSS
;
N
5 'polypeptide(L)'
;MALTPESPSSFPGLAATGSSVPEPPGGPNATLNSSWASPTEPSSLEDLVATGTIGTLLSAMGVVGVVGNAYTLVVTCRSL
RAVASMYVYVVNLALADLLYLLSIPFIVATYVTKEWHFGDVGCRVLFGLDFLTMHASIFTLTVMSSERYAAVLRPLDTVQ
RPKGYRKLLALGTWLLALLLTLPVMLAMRLVRRGPKSLCLPAWGPRAHRAYLTLLFATSIAGPGLLIGLLYARLARAYRR
SQRASFKRARRPGARALRLVLGIVLLFWACFLPFWLWQLLAQYHQAPLAPRTARIVNYLTTCLTYGNSCANPFLYTLLTR
NYRDHLRGRVRGPGSGGGRGPVPSLQP
;
R
6 'polypeptide(L)' D(LE1)FWKYCV C
#
# COMPACT_ATOMS: atom_id res chain seq x y z
N LEU A 9 27.45 -23.67 -30.97
CA LEU A 9 26.25 -23.19 -30.31
C LEU A 9 25.10 -24.19 -30.48
N ASP A 10 24.94 -24.70 -31.71
CA ASP A 10 23.89 -25.67 -31.97
C ASP A 10 24.12 -26.97 -31.22
N GLN A 11 25.37 -27.44 -31.17
CA GLN A 11 25.67 -28.68 -30.45
C GLN A 11 25.42 -28.52 -28.96
N LEU A 12 25.81 -27.39 -28.38
CA LEU A 12 25.57 -27.15 -26.97
C LEU A 12 24.09 -27.08 -26.67
N ARG A 13 23.32 -26.41 -27.54
CA ARG A 13 21.87 -26.33 -27.34
C ARG A 13 21.23 -27.72 -27.43
N GLN A 14 21.67 -28.53 -28.39
CA GLN A 14 21.13 -29.88 -28.52
C GLN A 14 21.46 -30.73 -27.29
N GLU A 15 22.70 -30.62 -26.80
CA GLU A 15 23.08 -31.37 -25.60
C GLU A 15 22.26 -30.92 -24.40
N ALA A 16 22.06 -29.62 -24.24
CA ALA A 16 21.26 -29.11 -23.13
C ALA A 16 19.81 -29.60 -23.23
N GLU A 17 19.25 -29.59 -24.44
CA GLU A 17 17.88 -30.08 -24.62
C GLU A 17 17.78 -31.56 -24.30
N GLN A 18 18.76 -32.35 -24.73
CA GLN A 18 18.75 -33.79 -24.44
C GLN A 18 18.86 -34.04 -22.94
N LEU A 19 19.74 -33.30 -22.27
CA LEU A 19 19.89 -33.46 -20.82
C LEU A 19 18.61 -33.06 -20.10
N LYS A 20 17.98 -31.96 -20.52
CA LYS A 20 16.72 -31.54 -19.89
C LYS A 20 15.62 -32.57 -20.11
N ASN A 21 15.55 -33.14 -21.32
CA ASN A 21 14.56 -34.19 -21.57
C ASN A 21 14.81 -35.41 -20.72
N GLN A 22 16.06 -35.83 -20.57
CA GLN A 22 16.38 -36.98 -19.74
C GLN A 22 16.03 -36.70 -18.28
N ILE A 23 16.33 -35.50 -17.79
CA ILE A 23 16.01 -35.15 -16.41
C ILE A 23 14.50 -35.14 -16.20
N ARG A 24 13.75 -34.59 -17.15
CA ARG A 24 12.30 -34.57 -17.04
C ARG A 24 11.72 -35.99 -17.05
N ASP A 25 12.25 -36.85 -17.91
CA ASP A 25 11.78 -38.24 -17.96
C ASP A 25 12.07 -38.96 -16.65
N ALA A 26 13.26 -38.77 -16.09
CA ALA A 26 13.59 -39.39 -14.82
C ALA A 26 12.69 -38.84 -13.70
N ARG A 27 12.42 -37.54 -13.73
CA ARG A 27 11.56 -36.93 -12.72
C ARG A 27 10.15 -37.50 -12.78
N LYS A 28 9.60 -37.63 -13.99
CA LYS A 28 8.24 -38.15 -14.13
C LYS A 28 8.17 -39.64 -13.82
N ALA A 29 9.21 -40.40 -14.16
CA ALA A 29 9.19 -41.84 -13.90
C ALA A 29 9.16 -42.12 -12.41
N CYS A 30 9.95 -41.39 -11.62
CA CYS A 30 10.02 -41.60 -10.17
C CYS A 30 8.87 -40.84 -9.51
N ALA A 31 7.68 -41.42 -9.58
CA ALA A 31 6.50 -40.82 -8.98
C ALA A 31 5.54 -41.94 -8.60
N ASP A 32 5.54 -42.33 -7.33
CA ASP A 32 4.64 -43.38 -6.87
C ASP A 32 3.19 -42.93 -6.94
N ALA A 33 2.88 -41.77 -6.37
CA ALA A 33 1.53 -41.21 -6.35
C ALA A 33 1.64 -39.79 -5.82
N THR A 34 0.50 -39.09 -5.82
CA THR A 34 0.44 -37.74 -5.27
C THR A 34 0.49 -37.79 -3.75
N LEU A 35 1.01 -36.70 -3.16
CA LEU A 35 1.08 -36.63 -1.70
C LEU A 35 -0.30 -36.68 -1.05
N SER A 36 -1.33 -36.19 -1.76
CA SER A 36 -2.68 -36.19 -1.19
C SER A 36 -3.18 -37.60 -0.93
N GLN A 37 -2.93 -38.52 -1.86
CA GLN A 37 -3.43 -39.89 -1.71
C GLN A 37 -2.84 -40.57 -0.48
N ILE A 38 -1.53 -40.40 -0.26
CA ILE A 38 -0.89 -41.04 0.88
C ILE A 38 -1.40 -40.44 2.19
N THR A 39 -1.68 -39.15 2.20
CA THR A 39 -2.11 -38.45 3.41
C THR A 39 -3.64 -38.33 3.50
N ASN A 40 -4.37 -39.09 2.68
CA ASN A 40 -5.83 -39.05 2.76
C ASN A 40 -6.34 -39.52 4.11
N ASN A 41 -5.74 -40.59 4.65
CA ASN A 41 -6.18 -41.14 5.92
C ASN A 41 -5.81 -40.27 7.11
N ILE A 42 -5.00 -39.23 6.91
CA ILE A 42 -4.57 -38.37 8.01
C ILE A 42 -5.74 -37.52 8.50
N ASP A 43 -5.89 -37.45 9.81
CA ASP A 43 -6.94 -36.63 10.40
C ASP A 43 -6.68 -35.15 10.12
N PRO A 44 -7.69 -34.38 9.78
CA PRO A 44 -7.48 -32.95 9.52
C PRO A 44 -6.98 -32.22 10.76
N VAL A 45 -6.19 -31.17 10.52
CA VAL A 45 -5.61 -30.41 11.61
C VAL A 45 -6.70 -29.74 12.44
N GLY A 46 -7.70 -29.17 11.79
CA GLY A 46 -8.75 -28.45 12.48
C GLY A 46 -8.59 -26.94 12.37
N ARG A 47 -9.64 -26.22 12.76
CA ARG A 47 -9.63 -24.77 12.70
C ARG A 47 -8.58 -24.21 13.64
N ILE A 48 -7.56 -23.56 13.08
CA ILE A 48 -6.49 -22.94 13.85
C ILE A 48 -6.86 -21.47 13.98
N GLN A 49 -7.54 -21.12 15.08
CA GLN A 49 -7.98 -19.76 15.32
C GLN A 49 -6.96 -19.06 16.22
N MET A 50 -5.84 -18.68 15.59
CA MET A 50 -4.79 -17.99 16.32
C MET A 50 -5.24 -16.59 16.73
N ARG A 51 -4.70 -16.13 17.85
CA ARG A 51 -5.06 -14.83 18.41
C ARG A 51 -3.81 -13.96 18.53
N THR A 52 -3.99 -12.67 18.28
CA THR A 52 -2.91 -11.69 18.39
C THR A 52 -2.66 -11.43 19.87
N ARG A 53 -1.67 -12.15 20.42
CA ARG A 53 -1.36 -12.01 21.84
C ARG A 53 -0.83 -10.61 22.16
N ARG A 54 0.05 -10.08 21.31
CA ARG A 54 0.69 -8.80 21.57
C ARG A 54 0.90 -8.06 20.26
N THR A 55 0.92 -6.73 20.35
CA THR A 55 1.27 -5.85 19.24
C THR A 55 2.41 -4.95 19.68
N LEU A 56 3.40 -4.77 18.80
CA LEU A 56 4.62 -4.07 19.19
C LEU A 56 4.65 -2.61 18.76
N ARG A 57 3.95 -2.26 17.67
CA ARG A 57 3.95 -0.93 17.05
C ARG A 57 5.33 -0.31 17.06
N GLY A 58 5.42 0.99 17.36
CA GLY A 58 6.71 1.64 17.49
C GLY A 58 7.33 2.09 16.19
N HIS A 59 7.33 1.23 15.18
CA HIS A 59 7.92 1.57 13.90
C HIS A 59 7.12 2.67 13.22
N LEU A 60 7.80 3.46 12.40
CA LEU A 60 7.20 4.62 11.74
C LEU A 60 6.97 4.41 10.25
N ALA A 61 7.66 3.45 9.63
CA ALA A 61 7.51 3.18 8.21
C ALA A 61 7.32 1.69 8.02
N LYS A 62 7.30 1.25 6.76
CA LYS A 62 7.05 -0.15 6.45
C LYS A 62 8.14 -1.04 7.03
N ILE A 63 7.74 -2.10 7.71
CA ILE A 63 8.66 -3.10 8.24
C ILE A 63 8.96 -4.09 7.12
N TYR A 64 10.24 -4.35 6.87
CA TYR A 64 10.63 -5.16 5.72
C TYR A 64 11.23 -6.51 6.08
N ALA A 65 11.63 -6.73 7.33
CA ALA A 65 12.21 -8.02 7.70
C ALA A 65 12.02 -8.25 9.19
N MET A 66 12.13 -9.52 9.58
CA MET A 66 12.02 -9.93 10.98
C MET A 66 12.65 -11.30 11.12
N HIS A 67 13.28 -11.53 12.28
CA HIS A 67 13.96 -12.80 12.51
C HIS A 67 14.06 -13.04 14.01
N TRP A 68 13.44 -14.13 14.48
CA TRP A 68 13.52 -14.49 15.89
C TRP A 68 14.93 -14.93 16.25
N GLY A 69 15.33 -14.64 17.49
CA GLY A 69 16.60 -15.09 17.99
C GLY A 69 16.53 -16.51 18.53
N THR A 70 17.70 -17.04 18.86
CA THR A 70 17.77 -18.39 19.43
C THR A 70 17.19 -18.42 20.83
N ASP A 71 17.29 -17.30 21.57
CA ASP A 71 16.76 -17.24 22.92
C ASP A 71 15.24 -17.28 22.96
N SER A 72 14.58 -17.16 21.81
CA SER A 72 13.12 -17.18 21.61
C SER A 72 12.44 -15.95 22.19
N ARG A 73 13.19 -15.00 22.76
CA ARG A 73 12.61 -13.80 23.34
C ARG A 73 12.86 -12.54 22.52
N LEU A 74 14.06 -12.36 21.99
CA LEU A 74 14.44 -11.13 21.30
C LEU A 74 14.30 -11.33 19.79
N LEU A 75 13.56 -10.43 19.15
CA LEU A 75 13.37 -10.44 17.71
C LEU A 75 13.77 -9.10 17.13
N VAL A 76 14.54 -9.13 16.05
CA VAL A 76 15.04 -7.91 15.42
C VAL A 76 14.21 -7.62 14.19
N SER A 77 13.82 -6.35 14.02
CA SER A 77 12.95 -5.93 12.92
C SER A 77 13.52 -4.67 12.29
N ALA A 78 13.64 -4.66 10.97
CA ALA A 78 14.14 -3.52 10.24
C ALA A 78 13.01 -2.81 9.50
N SER A 79 13.09 -1.48 9.47
CA SER A 79 12.11 -0.69 8.75
C SER A 79 12.82 0.26 7.80
N GLN A 80 12.10 0.66 6.75
CA GLN A 80 12.63 1.57 5.74
C GLN A 80 12.68 3.01 6.23
N ASP A 81 12.33 3.27 7.49
CA ASP A 81 12.56 4.58 8.08
C ASP A 81 14.01 4.78 8.51
N GLY A 82 14.83 3.75 8.40
CA GLY A 82 16.20 3.80 8.86
C GLY A 82 16.44 3.26 10.25
N LYS A 83 15.58 2.38 10.75
CA LYS A 83 15.67 1.88 12.12
C LYS A 83 15.72 0.36 12.14
N LEU A 84 16.50 -0.14 13.11
CA LEU A 84 16.61 -1.58 13.38
C LEU A 84 16.31 -1.75 14.86
N ILE A 85 15.13 -2.28 15.19
CA ILE A 85 14.67 -2.37 16.57
C ILE A 85 14.75 -3.81 17.05
N ILE A 86 15.30 -4.01 18.24
CA ILE A 86 15.42 -5.33 18.85
C ILE A 86 14.35 -5.42 19.95
N TRP A 87 13.19 -5.95 19.60
CA TRP A 87 12.10 -6.08 20.55
C TRP A 87 12.29 -7.30 21.44
N ASP A 88 11.78 -7.19 22.67
CA ASP A 88 11.62 -8.31 23.57
C ASP A 88 10.15 -8.71 23.55
N SER A 89 9.87 -9.93 23.11
CA SER A 89 8.50 -10.35 22.84
C SER A 89 7.66 -10.38 24.12
N TYR A 90 8.24 -10.86 25.23
CA TYR A 90 7.44 -11.10 26.43
C TYR A 90 6.93 -9.79 27.03
N THR A 91 7.80 -8.80 27.20
CA THR A 91 7.42 -7.56 27.86
C THR A 91 7.20 -6.40 26.90
N THR A 92 7.31 -6.64 25.59
CA THR A 92 7.05 -5.63 24.55
C THR A 92 7.81 -4.33 24.80
N ASN A 93 9.04 -4.44 25.29
CA ASN A 93 9.88 -3.27 25.53
C ASN A 93 11.09 -3.32 24.60
N LYS A 94 11.42 -2.16 24.02
CA LYS A 94 12.56 -2.04 23.14
C LYS A 94 13.86 -2.15 23.92
N VAL A 95 14.85 -2.80 23.31
CA VAL A 95 16.16 -2.99 23.92
C VAL A 95 17.23 -2.17 23.22
N HIS A 96 17.31 -2.27 21.89
CA HIS A 96 18.25 -1.48 21.11
C HIS A 96 17.59 -1.02 19.83
N ALA A 97 17.69 0.29 19.57
CA ALA A 97 17.23 0.87 18.31
C ALA A 97 18.43 1.44 17.59
N ILE A 98 18.86 0.75 16.54
CA ILE A 98 20.06 1.10 15.79
C ILE A 98 19.65 1.95 14.59
N PRO A 99 20.10 3.20 14.51
CA PRO A 99 19.94 3.95 13.25
C PRO A 99 20.80 3.32 12.15
N LEU A 100 20.35 3.50 10.92
CA LEU A 100 20.98 2.86 9.77
C LEU A 100 21.51 3.93 8.82
N ARG A 101 22.71 3.70 8.28
CA ARG A 101 23.29 4.63 7.33
C ARG A 101 22.45 4.76 6.08
N SER A 102 21.95 3.64 5.57
CA SER A 102 21.08 3.61 4.40
C SER A 102 19.65 3.39 4.85
N SER A 103 18.76 4.33 4.52
CA SER A 103 17.37 4.24 4.94
C SER A 103 16.63 3.09 4.25
N TRP A 104 17.12 2.63 3.10
CA TRP A 104 16.46 1.56 2.36
C TRP A 104 17.03 0.22 2.81
N VAL A 105 16.21 -0.55 3.52
CA VAL A 105 16.60 -1.85 4.04
C VAL A 105 15.56 -2.88 3.62
N MET A 106 16.03 -4.03 3.11
CA MET A 106 15.16 -5.10 2.67
C MET A 106 15.41 -6.42 3.38
N THR A 107 16.47 -6.54 4.19
CA THR A 107 16.74 -7.80 4.86
C THR A 107 17.26 -7.52 6.27
N CYS A 108 17.08 -8.51 7.15
CA CYS A 108 17.58 -8.43 8.51
C CYS A 108 17.90 -9.84 8.97
N ALA A 109 18.80 -9.94 9.95
CA ALA A 109 19.24 -11.23 10.45
C ALA A 109 19.59 -11.13 11.92
N TYR A 110 19.61 -12.28 12.58
CA TYR A 110 19.98 -12.39 13.99
C TYR A 110 20.95 -13.54 14.15
N ALA A 111 22.07 -13.30 14.82
CA ALA A 111 23.08 -14.34 14.99
C ALA A 111 22.58 -15.41 15.95
N PRO A 112 22.97 -16.67 15.74
CA PRO A 112 22.55 -17.73 16.67
C PRO A 112 23.03 -17.49 18.10
N SER A 113 24.23 -16.94 18.26
CA SER A 113 24.73 -16.66 19.60
C SER A 113 24.10 -15.42 20.20
N GLY A 114 23.46 -14.59 19.38
CA GLY A 114 22.85 -13.36 19.83
C GLY A 114 23.78 -12.18 19.94
N ASN A 115 25.07 -12.36 19.65
CA ASN A 115 26.02 -11.27 19.76
C ASN A 115 25.84 -10.23 18.66
N TYR A 116 25.65 -10.68 17.42
CA TYR A 116 25.63 -9.80 16.26
C TYR A 116 24.27 -9.78 15.59
N VAL A 117 24.04 -8.72 14.81
CA VAL A 117 22.89 -8.63 13.92
C VAL A 117 23.39 -8.13 12.57
N ALA A 118 22.58 -8.35 11.54
CA ALA A 118 22.95 -7.95 10.18
C ALA A 118 21.77 -7.29 9.50
N CYS A 119 22.06 -6.29 8.67
CA CYS A 119 21.03 -5.62 7.88
C CYS A 119 21.58 -5.33 6.48
N GLY A 120 20.67 -5.21 5.53
CA GLY A 120 21.06 -4.91 4.17
C GLY A 120 19.86 -4.49 3.34
N GLY A 121 20.15 -3.85 2.21
CA GLY A 121 19.12 -3.36 1.33
C GLY A 121 19.65 -2.83 0.01
N LEU A 122 19.11 -1.69 -0.44
CA LEU A 122 19.51 -1.10 -1.71
C LEU A 122 20.94 -0.58 -1.69
N ASP A 123 21.56 -0.45 -0.51
CA ASP A 123 22.92 0.04 -0.42
C ASP A 123 23.95 -0.95 -0.93
N ASN A 124 23.55 -2.19 -1.21
CA ASN A 124 24.45 -3.24 -1.70
C ASN A 124 25.55 -3.57 -0.71
N ILE A 125 25.34 -3.25 0.56
CA ILE A 125 26.31 -3.50 1.62
C ILE A 125 25.63 -4.24 2.75
N CYS A 126 26.24 -5.33 3.21
CA CYS A 126 25.72 -6.14 4.32
C CYS A 126 26.34 -5.62 5.60
N SER A 127 25.64 -4.72 6.27
CA SER A 127 26.14 -4.13 7.51
C SER A 127 25.94 -5.07 8.68
N ILE A 128 26.94 -5.11 9.56
CA ILE A 128 26.96 -5.96 10.74
C ILE A 128 27.08 -5.08 11.97
N TYR A 129 26.27 -5.37 12.99
CA TYR A 129 26.26 -4.58 14.22
C TYR A 129 26.52 -5.52 15.40
N ASN A 130 27.40 -5.09 16.30
CA ASN A 130 27.73 -5.87 17.49
C ASN A 130 26.90 -5.35 18.66
N LEU A 131 26.08 -6.22 19.24
CA LEU A 131 25.22 -5.81 20.35
C LEU A 131 25.96 -5.85 21.67
N LYS A 132 26.43 -7.03 22.08
CA LYS A 132 27.12 -7.21 23.35
C LYS A 132 28.60 -6.89 23.15
N THR A 133 29.02 -5.75 23.71
CA THR A 133 30.41 -5.31 23.61
C THR A 133 30.68 -4.34 24.74
N ARG A 134 31.96 -4.08 24.97
CA ARG A 134 32.35 -3.14 26.02
C ARG A 134 31.86 -1.73 25.68
N GLU A 135 31.66 -0.93 26.72
CA GLU A 135 31.12 0.43 26.72
C GLU A 135 29.62 0.44 26.46
N GLY A 136 29.00 -0.71 26.18
CA GLY A 136 27.56 -0.80 26.03
C GLY A 136 27.00 0.04 24.89
N ASN A 137 27.61 -0.04 23.72
CA ASN A 137 27.18 0.70 22.55
C ASN A 137 26.97 -0.24 21.37
N VAL A 138 26.12 0.18 20.45
CA VAL A 138 25.86 -0.55 19.21
C VAL A 138 26.62 0.16 18.10
N ARG A 139 27.59 -0.54 17.51
CA ARG A 139 28.45 0.04 16.49
C ARG A 139 28.64 -0.96 15.35
N VAL A 140 28.90 -0.42 14.17
CA VAL A 140 29.10 -1.25 12.98
C VAL A 140 30.45 -1.94 13.11
N SER A 141 30.44 -3.28 13.12
CA SER A 141 31.69 -4.03 13.23
C SER A 141 32.38 -4.13 11.88
N ARG A 142 31.73 -4.75 10.90
CA ARG A 142 32.28 -4.91 9.57
C ARG A 142 31.20 -4.60 8.53
N GLU A 143 31.61 -3.97 7.44
CA GLU A 143 30.73 -3.69 6.30
C GLU A 143 31.18 -4.54 5.13
N LEU A 144 30.27 -5.37 4.62
CA LEU A 144 30.60 -6.27 3.53
C LEU A 144 30.16 -5.67 2.20
N ALA A 145 31.11 -5.53 1.27
CA ALA A 145 30.84 -4.94 -0.03
C ALA A 145 31.38 -5.85 -1.11
N GLY A 146 30.80 -5.75 -2.30
CA GLY A 146 31.19 -6.57 -3.43
C GLY A 146 30.03 -6.96 -4.32
N HIS A 147 28.81 -6.88 -3.79
CA HIS A 147 27.63 -7.19 -4.58
C HIS A 147 27.33 -6.06 -5.55
N THR A 148 26.92 -6.43 -6.75
CA THR A 148 26.52 -5.47 -7.77
C THR A 148 25.01 -5.22 -7.78
N GLY A 149 24.27 -5.87 -6.90
CA GLY A 149 22.83 -5.68 -6.83
C GLY A 149 22.37 -5.51 -5.39
N TYR A 150 21.07 -5.25 -5.26
CA TYR A 150 20.50 -5.01 -3.94
C TYR A 150 20.48 -6.29 -3.12
N LEU A 151 20.84 -6.18 -1.84
CA LEU A 151 20.82 -7.31 -0.92
C LEU A 151 19.38 -7.62 -0.55
N SER A 152 19.02 -8.91 -0.61
CA SER A 152 17.65 -9.31 -0.38
C SER A 152 17.46 -10.19 0.84
N CYS A 153 18.45 -11.01 1.18
CA CYS A 153 18.34 -11.89 2.34
C CYS A 153 19.73 -12.27 2.83
N CYS A 154 19.95 -12.14 4.13
CA CYS A 154 21.22 -12.50 4.76
C CYS A 154 20.94 -13.35 5.99
N ARG A 155 21.72 -14.41 6.18
CA ARG A 155 21.57 -15.30 7.31
C ARG A 155 22.94 -15.63 7.88
N PHE A 156 22.96 -15.97 9.17
CA PHE A 156 24.20 -16.28 9.88
C PHE A 156 24.41 -17.79 9.93
N LEU A 157 25.44 -18.27 9.23
CA LEU A 157 25.90 -19.63 9.44
C LEU A 157 26.46 -19.79 10.85
N ASP A 158 27.22 -18.80 11.32
CA ASP A 158 27.80 -18.79 12.65
C ASP A 158 28.11 -17.34 12.99
N ASP A 159 28.88 -17.13 14.06
CA ASP A 159 29.27 -15.78 14.45
C ASP A 159 30.30 -15.17 13.51
N ASN A 160 30.86 -15.95 12.58
CA ASN A 160 31.91 -15.47 11.70
C ASN A 160 31.57 -15.62 10.22
N GLN A 161 30.47 -16.28 9.86
CA GLN A 161 30.13 -16.48 8.47
C GLN A 161 28.70 -16.03 8.21
N ILE A 162 28.50 -15.37 7.07
CA ILE A 162 27.19 -14.89 6.66
C ILE A 162 26.96 -15.29 5.20
N VAL A 163 25.77 -15.81 4.92
CA VAL A 163 25.36 -16.15 3.56
C VAL A 163 24.34 -15.11 3.11
N THR A 164 24.63 -14.42 2.01
CA THR A 164 23.79 -13.34 1.51
C THR A 164 23.39 -13.62 0.07
N SER A 165 22.28 -13.03 -0.34
CA SER A 165 21.79 -13.11 -1.71
C SER A 165 21.54 -11.70 -2.24
N SER A 166 21.88 -11.48 -3.51
CA SER A 166 21.79 -10.15 -4.09
C SER A 166 20.92 -10.19 -5.34
N GLY A 167 20.62 -9.00 -5.85
CA GLY A 167 19.93 -8.83 -7.11
C GLY A 167 20.82 -9.02 -8.31
N ASP A 168 22.11 -9.30 -8.09
CA ASP A 168 23.05 -9.64 -9.14
C ASP A 168 22.91 -11.08 -9.60
N THR A 169 21.78 -11.72 -9.29
CA THR A 169 21.54 -13.14 -9.58
C THR A 169 22.62 -14.02 -8.98
N THR A 170 23.10 -13.65 -7.79
CA THR A 170 24.19 -14.35 -7.14
C THR A 170 23.95 -14.41 -5.64
N CYS A 171 24.65 -15.35 -5.00
CA CYS A 171 24.75 -15.44 -3.55
C CYS A 171 26.22 -15.48 -3.18
N ALA A 172 26.51 -15.16 -1.91
CA ALA A 172 27.90 -15.12 -1.46
C ALA A 172 27.98 -15.59 -0.02
N LEU A 173 29.13 -16.19 0.31
CA LEU A 173 29.47 -16.56 1.67
C LEU A 173 30.65 -15.70 2.10
N TRP A 174 30.53 -15.07 3.28
CA TRP A 174 31.50 -14.07 3.72
C TRP A 174 32.18 -14.53 5.01
N ASP A 175 33.44 -14.16 5.14
CA ASP A 175 34.16 -14.26 6.39
C ASP A 175 34.20 -12.87 7.02
N ILE A 176 33.63 -12.73 8.21
CA ILE A 176 33.49 -11.41 8.83
C ILE A 176 34.86 -10.82 9.13
N GLU A 177 35.76 -11.62 9.68
CA GLU A 177 37.10 -11.12 10.01
C GLU A 177 37.86 -10.71 8.74
N THR A 178 37.77 -11.53 7.70
CA THR A 178 38.51 -11.25 6.47
C THR A 178 37.90 -10.08 5.70
N GLY A 179 36.57 -9.97 5.73
CA GLY A 179 35.89 -8.93 4.98
C GLY A 179 35.76 -9.19 3.50
N GLN A 180 36.05 -10.40 3.04
CA GLN A 180 36.00 -10.75 1.63
C GLN A 180 35.20 -12.02 1.41
N GLN A 181 34.60 -12.14 0.24
CA GLN A 181 33.86 -13.34 -0.10
C GLN A 181 34.81 -14.54 -0.20
N THR A 182 34.41 -15.65 0.42
CA THR A 182 35.17 -16.89 0.32
C THR A 182 34.56 -17.86 -0.69
N THR A 183 33.27 -17.71 -0.99
CA THR A 183 32.60 -18.56 -1.97
C THR A 183 31.48 -17.76 -2.63
N THR A 184 31.38 -17.90 -3.94
CA THR A 184 30.37 -17.21 -4.73
C THR A 184 29.48 -18.24 -5.42
N PHE A 185 28.18 -18.18 -5.14
CA PHE A 185 27.20 -19.10 -5.71
C PHE A 185 26.51 -18.39 -6.88
N THR A 186 26.89 -18.80 -8.09
CA THR A 186 26.31 -18.23 -9.30
C THR A 186 25.61 -19.31 -10.11
N GLY A 187 24.74 -18.87 -11.02
CA GLY A 187 23.98 -19.79 -11.85
C GLY A 187 22.55 -19.32 -12.07
N HIS A 188 21.99 -18.60 -11.10
CA HIS A 188 20.66 -18.05 -11.26
C HIS A 188 20.64 -16.99 -12.35
N THR A 189 19.52 -16.93 -13.08
CA THR A 189 19.32 -15.92 -14.11
C THR A 189 18.35 -14.83 -13.67
N GLY A 190 17.94 -14.82 -12.40
CA GLY A 190 17.03 -13.81 -11.90
C GLY A 190 17.46 -13.37 -10.51
N ASP A 191 16.79 -12.33 -10.02
CA ASP A 191 17.12 -11.78 -8.71
C ASP A 191 16.77 -12.77 -7.62
N VAL A 192 17.81 -13.33 -6.98
CA VAL A 192 17.63 -14.24 -5.85
C VAL A 192 17.03 -13.42 -4.72
N MET A 193 15.81 -13.76 -4.31
CA MET A 193 15.04 -12.92 -3.40
C MET A 193 14.79 -13.60 -2.06
N SER A 194 15.42 -14.74 -1.81
CA SER A 194 15.20 -15.46 -0.56
C SER A 194 16.33 -16.45 -0.34
N LEU A 195 16.58 -16.77 0.93
CA LEU A 195 17.65 -17.69 1.29
C LEU A 195 17.38 -18.22 2.70
N SER A 196 17.23 -19.53 2.82
CA SER A 196 16.92 -20.17 4.09
C SER A 196 17.98 -21.22 4.38
N LEU A 197 18.65 -21.09 5.53
CA LEU A 197 19.67 -22.06 5.93
C LEU A 197 19.02 -23.37 6.38
N ALA A 198 19.69 -24.47 6.04
CA ALA A 198 19.23 -25.78 6.48
C ALA A 198 19.58 -25.98 7.95
N PRO A 199 18.85 -26.84 8.65
CA PRO A 199 19.22 -27.16 10.04
C PRO A 199 20.61 -27.74 10.17
N ASP A 200 21.07 -28.50 9.18
CA ASP A 200 22.42 -29.06 9.22
C ASP A 200 23.47 -27.97 9.04
N THR A 201 23.07 -26.83 8.48
CA THR A 201 23.87 -25.62 8.19
C THR A 201 24.99 -25.90 7.19
N ARG A 202 25.09 -27.11 6.64
CA ARG A 202 26.05 -27.38 5.57
C ARG A 202 25.42 -27.23 4.19
N LEU A 203 24.15 -26.88 4.11
CA LEU A 203 23.45 -26.68 2.85
C LEU A 203 22.47 -25.54 3.00
N PHE A 204 22.04 -24.98 1.87
CA PHE A 204 20.95 -24.02 1.90
C PHE A 204 20.24 -24.04 0.56
N VAL A 205 19.14 -23.29 0.47
CA VAL A 205 18.33 -23.23 -0.74
C VAL A 205 17.98 -21.77 -1.00
N SER A 206 17.98 -21.39 -2.29
CA SER A 206 17.73 -20.00 -2.68
C SER A 206 16.77 -19.97 -3.85
N GLY A 207 15.70 -19.18 -3.72
CA GLY A 207 14.81 -18.96 -4.84
C GLY A 207 15.07 -17.62 -5.52
N ALA A 208 14.99 -17.64 -6.85
CA ALA A 208 15.33 -16.48 -7.65
C ALA A 208 14.10 -15.98 -8.40
N CYS A 209 14.25 -14.83 -9.04
CA CYS A 209 13.20 -14.18 -9.81
C CYS A 209 12.90 -14.91 -11.12
N ASP A 210 13.73 -15.88 -11.51
CA ASP A 210 13.53 -16.63 -12.74
C ASP A 210 12.59 -17.82 -12.56
N ALA A 211 11.73 -17.78 -11.54
CA ALA A 211 10.77 -18.84 -11.26
C ALA A 211 11.47 -20.18 -11.05
N SER A 212 12.50 -20.18 -10.21
CA SER A 212 13.21 -21.41 -9.90
C SER A 212 13.90 -21.28 -8.56
N ALA A 213 14.28 -22.44 -8.02
CA ALA A 213 15.01 -22.53 -6.76
C ALA A 213 16.18 -23.49 -6.94
N LYS A 214 17.26 -23.22 -6.22
CA LYS A 214 18.47 -24.03 -6.30
C LYS A 214 18.99 -24.36 -4.93
N LEU A 215 19.46 -25.60 -4.77
CA LEU A 215 20.12 -26.05 -3.56
C LEU A 215 21.62 -25.86 -3.71
N TRP A 216 22.27 -25.38 -2.64
CA TRP A 216 23.69 -25.07 -2.67
C TRP A 216 24.38 -25.67 -1.45
N ASP A 217 25.62 -26.10 -1.66
CA ASP A 217 26.51 -26.56 -0.62
C ASP A 217 27.56 -25.48 -0.38
N VAL A 218 27.70 -25.06 0.88
CA VAL A 218 28.62 -23.97 1.19
C VAL A 218 30.06 -24.36 0.91
N ARG A 219 30.46 -25.59 1.28
CA ARG A 219 31.84 -26.01 1.09
C ARG A 219 32.16 -26.24 -0.39
N GLU A 220 31.28 -26.95 -1.10
CA GLU A 220 31.55 -27.24 -2.51
C GLU A 220 31.49 -25.98 -3.35
N GLY A 221 30.52 -25.10 -3.09
CA GLY A 221 30.38 -23.88 -3.86
C GLY A 221 29.67 -24.03 -5.18
N MET A 222 29.14 -25.21 -5.48
CA MET A 222 28.42 -25.47 -6.73
C MET A 222 27.00 -25.91 -6.42
N CYS A 223 26.07 -25.50 -7.28
CA CYS A 223 24.67 -25.87 -7.08
C CYS A 223 24.50 -27.38 -7.19
N ARG A 224 23.75 -27.95 -6.23
CA ARG A 224 23.51 -29.39 -6.22
C ARG A 224 22.32 -29.75 -7.09
N GLN A 225 21.17 -29.13 -6.82
CA GLN A 225 19.95 -29.43 -7.57
C GLN A 225 19.25 -28.12 -7.93
N THR A 226 18.48 -28.17 -9.00
CA THR A 226 17.66 -27.05 -9.44
C THR A 226 16.24 -27.55 -9.69
N PHE A 227 15.26 -26.78 -9.23
CA PHE A 227 13.87 -27.19 -9.30
C PHE A 227 13.14 -26.38 -10.36
N THR A 228 12.07 -26.98 -10.92
CA THR A 228 11.32 -26.31 -11.98
C THR A 228 10.69 -25.00 -11.48
N GLY A 229 10.20 -25.00 -10.26
CA GLY A 229 9.65 -23.79 -9.67
C GLY A 229 8.22 -23.53 -10.08
N HIS A 230 7.78 -22.31 -9.76
CA HIS A 230 6.41 -21.88 -10.01
C HIS A 230 6.31 -21.27 -11.40
N GLU A 231 5.20 -20.61 -11.68
CA GLU A 231 4.97 -19.93 -12.95
C GLU A 231 5.38 -18.46 -12.91
N SER A 232 5.85 -17.97 -11.76
CA SER A 232 6.22 -16.58 -11.61
C SER A 232 7.42 -16.50 -10.67
N ASP A 233 7.91 -15.28 -10.43
CA ASP A 233 9.10 -15.10 -9.61
C ASP A 233 8.83 -15.52 -8.17
N ILE A 234 9.86 -16.08 -7.53
CA ILE A 234 9.76 -16.59 -6.16
C ILE A 234 10.09 -15.46 -5.20
N ASN A 235 9.20 -15.22 -4.24
CA ASN A 235 9.37 -14.13 -3.28
C ASN A 235 9.82 -14.63 -1.91
N ALA A 236 9.47 -15.86 -1.54
CA ALA A 236 9.78 -16.38 -0.22
C ALA A 236 10.21 -17.84 -0.33
N ILE A 237 10.96 -18.29 0.68
CA ILE A 237 11.40 -19.67 0.76
C ILE A 237 11.65 -19.99 2.22
N CYS A 238 11.47 -21.25 2.60
CA CYS A 238 11.71 -21.69 3.97
C CYS A 238 12.11 -23.15 3.95
N PHE A 239 12.85 -23.55 4.99
CA PHE A 239 13.36 -24.91 5.10
C PHE A 239 12.50 -25.71 6.07
N PHE A 240 12.11 -26.91 5.65
CA PHE A 240 11.34 -27.80 6.51
C PHE A 240 12.20 -28.22 7.71
N PRO A 241 11.62 -28.37 8.90
CA PRO A 241 12.42 -28.68 10.09
C PRO A 241 13.22 -29.97 9.95
N ASN A 242 12.70 -30.95 9.21
CA ASN A 242 13.42 -32.20 9.00
C ASN A 242 14.71 -31.97 8.22
N GLY A 243 14.70 -31.03 7.28
CA GLY A 243 15.87 -30.72 6.47
C GLY A 243 15.91 -31.39 5.12
N ASN A 244 14.98 -32.29 4.82
CA ASN A 244 14.91 -32.97 3.53
C ASN A 244 13.85 -32.38 2.62
N ALA A 245 13.29 -31.21 2.97
CA ALA A 245 12.26 -30.58 2.17
C ALA A 245 12.29 -29.08 2.43
N PHE A 246 11.61 -28.34 1.56
CA PHE A 246 11.52 -26.89 1.71
C PHE A 246 10.30 -26.35 0.98
N ALA A 247 9.68 -25.33 1.55
CA ALA A 247 8.53 -24.68 0.92
C ALA A 247 8.98 -23.47 0.10
N THR A 248 8.08 -23.01 -0.76
CA THR A 248 8.40 -21.93 -1.69
C THR A 248 7.13 -21.18 -2.04
N GLY A 249 7.21 -19.84 -1.99
CA GLY A 249 6.10 -19.01 -2.38
C GLY A 249 6.49 -18.07 -3.51
N SER A 250 5.54 -17.83 -4.40
CA SER A 250 5.79 -17.03 -5.59
C SER A 250 4.61 -16.11 -5.85
N ASP A 251 4.74 -15.29 -6.88
CA ASP A 251 3.68 -14.36 -7.26
C ASP A 251 2.55 -15.03 -8.02
N ASP A 252 2.64 -16.34 -8.28
CA ASP A 252 1.57 -17.08 -8.94
C ASP A 252 0.42 -17.34 -7.98
N ALA A 253 0.48 -16.73 -6.79
CA ALA A 253 -0.51 -16.88 -5.73
C ALA A 253 -0.61 -18.31 -5.22
N THR A 254 0.44 -19.11 -5.43
CA THR A 254 0.47 -20.50 -5.00
C THR A 254 1.71 -20.76 -4.18
N CYS A 255 1.61 -21.73 -3.26
CA CYS A 255 2.76 -22.22 -2.51
C CYS A 255 3.07 -23.64 -2.97
N ARG A 256 4.33 -24.03 -2.84
CA ARG A 256 4.73 -25.38 -3.23
C ARG A 256 5.72 -25.94 -2.22
N LEU A 257 5.79 -27.27 -2.17
CA LEU A 257 6.74 -27.98 -1.34
C LEU A 257 7.62 -28.86 -2.22
N PHE A 258 8.93 -28.84 -1.97
CA PHE A 258 9.87 -29.64 -2.72
C PHE A 258 10.68 -30.50 -1.77
N ASP A 259 11.09 -31.68 -2.25
CA ASP A 259 11.91 -32.61 -1.48
C ASP A 259 13.25 -32.74 -2.17
N LEU A 260 14.33 -32.67 -1.38
CA LEU A 260 15.67 -32.75 -1.94
C LEU A 260 15.93 -34.09 -2.60
N ARG A 261 15.53 -35.18 -1.95
CA ARG A 261 15.77 -36.51 -2.49
C ARG A 261 14.89 -36.77 -3.72
N ALA A 262 13.61 -36.39 -3.65
CA ALA A 262 12.71 -36.62 -4.76
C ALA A 262 13.05 -35.74 -5.97
N ASP A 263 13.64 -34.57 -5.73
CA ASP A 263 14.03 -33.63 -6.79
C ASP A 263 12.83 -33.29 -7.67
N GLN A 264 11.68 -33.06 -7.04
CA GLN A 264 10.46 -32.74 -7.77
C GLN A 264 9.45 -32.15 -6.79
N GLU A 265 8.44 -31.49 -7.36
CA GLU A 265 7.38 -30.91 -6.55
C GLU A 265 6.55 -31.99 -5.86
N LEU A 266 6.21 -31.75 -4.60
CA LEU A 266 5.43 -32.69 -3.81
C LEU A 266 4.00 -32.26 -3.58
N MET A 267 3.77 -31.04 -3.10
CA MET A 267 2.42 -30.56 -2.82
C MET A 267 2.30 -29.11 -3.26
N THR A 268 1.12 -28.77 -3.77
CA THR A 268 0.78 -27.41 -4.17
C THR A 268 -0.39 -26.91 -3.33
N TYR A 269 -0.23 -25.73 -2.76
CA TYR A 269 -1.27 -25.09 -1.96
C TYR A 269 -1.78 -23.88 -2.73
N SER A 270 -3.04 -23.94 -3.16
CA SER A 270 -3.63 -22.89 -3.96
C SER A 270 -5.12 -22.84 -3.71
N HIS A 271 -5.71 -21.67 -3.98
CA HIS A 271 -7.15 -21.49 -3.85
C HIS A 271 -7.63 -20.55 -4.94
N ASP A 272 -8.84 -20.81 -5.44
CA ASP A 272 -9.40 -19.97 -6.49
C ASP A 272 -9.69 -18.55 -6.02
N ASN A 273 -9.90 -18.36 -4.72
CA ASN A 273 -10.22 -17.03 -4.21
C ASN A 273 -9.00 -16.13 -4.20
N ILE A 274 -7.84 -16.66 -3.84
CA ILE A 274 -6.63 -15.86 -3.70
C ILE A 274 -5.98 -15.71 -5.07
N ILE A 275 -5.70 -14.46 -5.45
CA ILE A 275 -5.00 -14.16 -6.70
C ILE A 275 -3.81 -13.28 -6.39
N CYS A 276 -3.33 -13.32 -5.15
CA CYS A 276 -2.24 -12.49 -4.69
C CYS A 276 -1.03 -13.34 -4.34
N GLY A 277 0.14 -12.87 -4.75
CA GLY A 277 1.36 -13.62 -4.55
C GLY A 277 1.83 -13.66 -3.11
N ILE A 278 2.72 -14.60 -2.83
CA ILE A 278 3.26 -14.82 -1.49
C ILE A 278 4.38 -13.81 -1.24
N THR A 279 4.64 -13.54 0.03
CA THR A 279 5.71 -12.64 0.42
C THR A 279 6.59 -13.21 1.52
N SER A 280 6.05 -14.11 2.36
CA SER A 280 6.82 -14.70 3.44
C SER A 280 6.29 -16.10 3.72
N VAL A 281 7.19 -17.04 3.94
CA VAL A 281 6.84 -18.44 4.18
C VAL A 281 7.62 -18.94 5.37
N SER A 282 6.94 -19.66 6.27
CA SER A 282 7.59 -20.23 7.44
C SER A 282 6.93 -21.57 7.77
N PHE A 283 7.71 -22.44 8.39
CA PHE A 283 7.25 -23.76 8.81
C PHE A 283 7.22 -23.84 10.34
N SER A 284 6.18 -24.48 10.86
CA SER A 284 6.06 -24.65 12.30
C SER A 284 7.12 -25.62 12.82
N LYS A 285 7.13 -25.80 14.14
CA LYS A 285 8.13 -26.68 14.77
C LYS A 285 7.97 -28.11 14.27
N SER A 286 6.73 -28.60 14.23
CA SER A 286 6.49 -29.96 13.75
C SER A 286 6.45 -30.04 12.23
N GLY A 287 6.35 -28.90 11.55
CA GLY A 287 6.20 -28.89 10.11
C GLY A 287 4.80 -29.12 9.62
N ARG A 288 3.83 -29.29 10.52
CA ARG A 288 2.44 -29.54 10.14
C ARG A 288 1.73 -28.28 9.66
N LEU A 289 2.06 -27.11 10.21
CA LEU A 289 1.39 -25.86 9.87
C LEU A 289 2.37 -24.99 9.10
N LEU A 290 2.08 -24.78 7.81
CA LEU A 290 2.88 -23.92 6.96
C LEU A 290 2.21 -22.54 6.93
N LEU A 291 2.88 -21.54 7.50
CA LEU A 291 2.31 -20.20 7.56
C LEU A 291 2.84 -19.38 6.39
N ALA A 292 1.94 -18.71 5.67
CA ALA A 292 2.32 -17.90 4.52
C ALA A 292 1.64 -16.55 4.62
N GLY A 293 2.32 -15.52 4.12
CA GLY A 293 1.76 -14.18 4.06
C GLY A 293 1.39 -13.82 2.64
N TYR A 294 0.24 -13.17 2.48
CA TYR A 294 -0.24 -12.76 1.18
C TYR A 294 -0.30 -11.24 1.12
N ASP A 295 -0.12 -10.69 -0.07
CA ASP A 295 -0.11 -9.24 -0.22
C ASP A 295 -1.50 -8.63 -0.11
N ASP A 296 -2.55 -9.44 0.04
CA ASP A 296 -3.88 -8.91 0.31
C ASP A 296 -4.12 -8.78 1.82
N PHE A 297 -3.14 -8.18 2.50
CA PHE A 297 -3.25 -7.72 3.88
C PHE A 297 -3.68 -8.83 4.85
N ASN A 298 -3.12 -10.03 4.68
CA ASN A 298 -3.38 -11.09 5.65
C ASN A 298 -2.38 -12.22 5.50
N CYS A 299 -2.56 -13.25 6.31
CA CYS A 299 -1.75 -14.46 6.30
C CYS A 299 -2.65 -15.68 6.37
N ASN A 300 -2.21 -16.79 5.79
CA ASN A 300 -2.96 -18.04 5.77
C ASN A 300 -2.11 -19.17 6.33
N VAL A 301 -2.74 -20.02 7.14
CA VAL A 301 -2.10 -21.23 7.64
C VAL A 301 -2.60 -22.42 6.81
N TRP A 302 -1.66 -23.23 6.33
CA TRP A 302 -1.97 -24.37 5.50
C TRP A 302 -1.49 -25.65 6.19
N ASP A 303 -2.14 -26.76 5.85
CA ASP A 303 -1.72 -28.08 6.30
C ASP A 303 -0.70 -28.61 5.30
N ALA A 304 0.49 -28.98 5.79
CA ALA A 304 1.54 -29.47 4.91
C ALA A 304 1.11 -30.75 4.21
N LEU A 305 0.47 -31.66 4.95
CA LEU A 305 0.10 -32.95 4.37
C LEU A 305 -1.27 -32.90 3.71
N LYS A 306 -2.24 -32.22 4.34
CA LYS A 306 -3.61 -32.22 3.84
C LYS A 306 -3.87 -31.16 2.78
N ALA A 307 -3.05 -30.11 2.73
CA ALA A 307 -3.18 -29.03 1.74
C ALA A 307 -4.57 -28.38 1.82
N ASP A 308 -4.84 -27.77 2.97
CA ASP A 308 -6.09 -27.07 3.21
C ASP A 308 -5.83 -25.87 4.09
N ARG A 309 -6.71 -24.87 3.98
CA ARG A 309 -6.60 -23.64 4.77
C ARG A 309 -7.15 -23.92 6.17
N ALA A 310 -6.25 -24.07 7.13
CA ALA A 310 -6.68 -24.34 8.51
C ALA A 310 -7.21 -23.08 9.18
N GLY A 311 -6.63 -21.93 8.88
CA GLY A 311 -7.07 -20.69 9.48
C GLY A 311 -6.42 -19.50 8.80
N VAL A 312 -6.82 -18.32 9.25
CA VAL A 312 -6.31 -17.06 8.70
C VAL A 312 -5.91 -16.16 9.87
N LEU A 313 -4.80 -15.43 9.69
CA LEU A 313 -4.35 -14.52 10.74
C LEU A 313 -5.10 -13.19 10.67
N ALA A 314 -5.07 -12.53 9.50
CA ALA A 314 -5.72 -11.26 9.28
C ALA A 314 -5.20 -10.20 10.25
N GLY A 315 -5.92 -9.10 10.39
CA GLY A 315 -5.56 -8.06 11.33
C GLY A 315 -4.56 -7.05 10.84
N HIS A 316 -4.08 -7.17 9.61
CA HIS A 316 -3.15 -6.21 9.04
C HIS A 316 -3.86 -5.40 7.95
N ASP A 317 -3.72 -4.08 8.02
CA ASP A 317 -4.33 -3.18 7.05
C ASP A 317 -3.51 -3.02 5.78
N ASN A 318 -2.25 -3.45 5.78
CA ASN A 318 -1.39 -3.33 4.60
C ASN A 318 -0.74 -4.67 4.33
N ARG A 319 0.03 -4.73 3.24
CA ARG A 319 0.68 -5.97 2.84
C ARG A 319 1.65 -6.43 3.91
N VAL A 320 1.60 -7.72 4.23
CA VAL A 320 2.55 -8.32 5.16
C VAL A 320 3.88 -8.53 4.44
N SER A 321 4.97 -8.46 5.18
CA SER A 321 6.30 -8.60 4.61
C SER A 321 7.14 -9.70 5.23
N CYS A 322 7.10 -9.87 6.54
CA CYS A 322 7.97 -10.84 7.20
C CYS A 322 7.14 -11.74 8.12
N LEU A 323 7.44 -13.04 8.06
CA LEU A 323 6.81 -14.04 8.89
C LEU A 323 7.88 -14.92 9.51
N GLY A 324 7.65 -15.36 10.75
CA GLY A 324 8.62 -16.20 11.42
C GLY A 324 8.13 -16.81 12.71
N VAL A 325 8.41 -18.09 12.90
CA VAL A 325 8.09 -18.80 14.14
C VAL A 325 9.36 -18.94 14.96
N THR A 326 9.21 -18.95 16.28
CA THR A 326 10.35 -19.13 17.16
C THR A 326 10.84 -20.58 17.11
N ASP A 327 12.05 -20.80 17.63
CA ASP A 327 12.65 -22.13 17.58
C ASP A 327 11.82 -23.15 18.34
N ASP A 328 11.34 -22.79 19.54
CA ASP A 328 10.49 -23.69 20.29
C ASP A 328 9.06 -23.69 19.78
N GLY A 329 8.71 -22.78 18.87
CA GLY A 329 7.40 -22.75 18.26
C GLY A 329 6.30 -22.15 19.12
N MET A 330 6.65 -21.51 20.22
CA MET A 330 5.67 -21.00 21.19
C MET A 330 4.89 -19.79 20.67
N ALA A 331 5.31 -19.21 19.55
CA ALA A 331 4.62 -18.04 19.01
C ALA A 331 5.05 -17.83 17.56
N VAL A 332 4.30 -16.99 16.86
CA VAL A 332 4.64 -16.56 15.50
C VAL A 332 4.61 -15.04 15.49
N ALA A 333 5.36 -14.45 14.56
CA ALA A 333 5.41 -13.01 14.42
C ALA A 333 5.16 -12.62 12.97
N THR A 334 4.37 -11.57 12.76
CA THR A 334 4.07 -11.05 11.44
C THR A 334 4.33 -9.55 11.41
N GLY A 335 5.20 -9.13 10.50
CA GLY A 335 5.49 -7.72 10.30
C GLY A 335 5.07 -7.28 8.91
N SER A 336 4.32 -6.17 8.85
CA SER A 336 3.72 -5.71 7.62
C SER A 336 4.11 -4.28 7.36
N TRP A 337 3.56 -3.71 6.28
CA TRP A 337 3.76 -2.31 5.96
C TRP A 337 2.97 -1.38 6.86
N ASP A 338 2.12 -1.92 7.75
CA ASP A 338 1.39 -1.10 8.70
C ASP A 338 2.30 -0.43 9.71
N SER A 339 3.57 -0.85 9.79
CA SER A 339 4.54 -0.49 10.82
C SER A 339 4.18 -1.10 12.17
N PHE A 340 3.25 -2.04 12.18
CA PHE A 340 2.88 -2.78 13.39
C PHE A 340 3.34 -4.23 13.23
N LEU A 341 4.02 -4.73 14.25
CA LEU A 341 4.48 -6.12 14.28
C LEU A 341 3.60 -6.87 15.27
N LYS A 342 2.81 -7.82 14.79
CA LYS A 342 1.85 -8.53 15.62
C LYS A 342 2.34 -9.94 15.90
N ILE A 343 2.34 -10.33 17.17
CA ILE A 343 2.70 -11.67 17.59
C ILE A 343 1.43 -12.48 17.81
N TRP A 344 1.33 -13.62 17.13
CA TRP A 344 0.15 -14.47 17.14
C TRP A 344 0.48 -15.78 17.84
N ASN A 345 -0.41 -16.20 18.74
CA ASN A 345 -0.29 -17.48 19.41
C ASN A 345 -1.61 -17.83 20.09
N VAL B 5 8.80 -5.80 39.35
CA VAL B 5 9.05 -5.02 40.55
C VAL B 5 10.55 -4.96 40.84
N SER B 6 11.29 -5.92 40.29
CA SER B 6 12.73 -5.96 40.48
C SER B 6 13.41 -4.87 39.66
N ALA B 7 14.70 -4.66 39.93
CA ALA B 7 15.45 -3.59 39.26
C ALA B 7 15.59 -3.87 37.77
N GLU B 8 15.62 -5.15 37.38
CA GLU B 8 15.83 -5.49 35.98
C GLU B 8 14.69 -5.00 35.11
N ASP B 9 13.44 -5.28 35.51
CA ASP B 9 12.30 -4.84 34.71
C ASP B 9 12.16 -3.32 34.73
N LYS B 10 12.52 -2.69 35.86
CA LYS B 10 12.51 -1.23 35.91
C LYS B 10 13.51 -0.63 34.92
N ALA B 11 14.72 -1.19 34.87
CA ALA B 11 15.72 -0.72 33.91
C ALA B 11 15.25 -0.95 32.48
N ALA B 12 14.62 -2.11 32.23
CA ALA B 12 14.10 -2.39 30.89
C ALA B 12 13.01 -1.39 30.51
N ALA B 13 12.14 -1.05 31.45
CA ALA B 13 11.08 -0.08 31.16
C ALA B 13 11.67 1.30 30.89
N GLU B 14 12.68 1.71 31.67
CA GLU B 14 13.33 3.00 31.41
C GLU B 14 14.00 3.01 30.05
N ARG B 15 14.67 1.92 29.69
CA ARG B 15 15.29 1.81 28.38
C ARG B 15 14.24 1.92 27.28
N SER B 16 13.12 1.23 27.44
CA SER B 16 12.06 1.27 26.44
C SER B 16 11.50 2.67 26.29
N LYS B 17 11.28 3.36 27.43
CA LYS B 17 10.75 4.72 27.37
C LYS B 17 11.72 5.66 26.67
N MET B 18 13.01 5.57 27.00
CA MET B 18 14.00 6.43 26.36
C MET B 18 14.09 6.15 24.87
N ILE B 19 14.07 4.88 24.48
CA ILE B 19 14.16 4.53 23.06
C ILE B 19 12.92 5.01 22.32
N ASP B 20 11.74 4.87 22.92
CA ASP B 20 10.51 5.34 22.29
C ASP B 20 10.53 6.85 22.12
N LYS B 21 11.02 7.58 23.14
CA LYS B 21 11.14 9.03 23.01
C LYS B 21 12.08 9.42 21.87
N ASN B 22 13.24 8.74 21.79
CA ASN B 22 14.19 9.03 20.73
C ASN B 22 13.59 8.73 19.36
N LEU B 23 12.87 7.61 19.24
CA LEU B 23 12.25 7.26 17.97
C LEU B 23 11.19 8.28 17.57
N ARG B 24 10.37 8.72 18.52
CA ARG B 24 9.35 9.72 18.21
C ARG B 24 9.99 11.02 17.76
N GLU B 25 11.05 11.45 18.46
CA GLU B 25 11.73 12.69 18.06
C GLU B 25 12.35 12.56 16.67
N ASP B 26 12.99 11.43 16.39
CA ASP B 26 13.59 11.23 15.06
C ASP B 26 12.52 11.22 13.97
N GLY B 27 11.39 10.56 14.23
CA GLY B 27 10.31 10.55 13.25
C GLY B 27 9.73 11.93 13.02
N GLU B 28 9.55 12.70 14.09
CA GLU B 28 9.05 14.06 13.95
C GLU B 28 10.02 14.92 13.14
N LYS B 29 11.32 14.76 13.38
CA LYS B 29 12.31 15.50 12.60
C LYS B 29 12.31 15.07 11.13
N ALA B 30 12.16 13.77 10.88
CA ALA B 30 12.29 13.26 9.52
C ALA B 30 11.05 13.54 8.68
N ARG B 31 9.88 13.61 9.31
CA ARG B 31 8.64 13.76 8.55
C ARG B 31 8.53 15.12 7.88
N ARG B 32 9.36 16.09 8.26
CA ARG B 32 9.30 17.42 7.66
C ARG B 32 9.69 17.38 6.18
N THR B 33 10.73 16.62 5.84
CA THR B 33 11.22 16.59 4.47
C THR B 33 10.29 15.81 3.57
N LEU B 34 10.22 16.21 2.30
CA LEU B 34 9.42 15.52 1.31
C LEU B 34 10.32 14.69 0.40
N ARG B 35 9.94 13.43 0.18
CA ARG B 35 10.76 12.46 -0.51
C ARG B 35 10.30 12.29 -1.96
N LEU B 36 11.28 12.28 -2.87
CA LEU B 36 11.02 12.20 -4.30
C LEU B 36 11.88 11.10 -4.90
N LEU B 37 11.34 10.45 -5.94
CA LEU B 37 12.05 9.40 -6.65
C LEU B 37 12.32 9.86 -8.07
N LEU B 38 13.59 10.04 -8.42
CA LEU B 38 13.98 10.47 -9.77
C LEU B 38 14.11 9.23 -10.64
N LEU B 39 13.38 9.20 -11.74
CA LEU B 39 13.40 8.06 -12.66
C LEU B 39 13.49 8.58 -14.09
N GLY B 40 14.39 7.99 -14.88
CA GLY B 40 14.55 8.37 -16.27
C GLY B 40 15.52 7.44 -16.98
N ALA B 41 15.63 7.65 -18.29
CA ALA B 41 16.55 6.88 -19.10
C ALA B 41 17.95 7.45 -19.03
N ASP B 42 18.89 6.78 -19.69
CA ASP B 42 20.28 7.25 -19.71
C ASP B 42 20.41 8.54 -20.51
N ASN B 43 19.65 8.67 -21.59
CA ASN B 43 19.74 9.83 -22.47
C ASN B 43 18.80 10.97 -22.07
N SER B 44 18.03 10.79 -21.00
CA SER B 44 17.05 11.79 -20.60
C SER B 44 17.65 12.95 -19.81
N GLY B 45 18.92 12.89 -19.45
CA GLY B 45 19.52 13.96 -18.66
C GLY B 45 18.92 14.09 -17.29
N LYS B 46 18.74 12.97 -16.57
CA LYS B 46 18.09 13.00 -15.28
C LYS B 46 18.93 13.74 -14.24
N SER B 47 20.24 13.80 -14.44
CA SER B 47 21.13 14.33 -13.41
C SER B 47 20.98 15.85 -13.26
N THR B 48 20.78 16.57 -14.35
CA THR B 48 20.86 18.03 -14.34
C THR B 48 19.50 18.71 -14.33
N ILE B 49 18.43 18.02 -13.97
CA ILE B 49 17.10 18.64 -14.00
C ILE B 49 16.97 19.68 -12.89
N VAL B 50 17.43 19.34 -11.68
CA VAL B 50 17.21 20.23 -10.54
C VAL B 50 18.41 21.15 -10.28
N LYS B 51 19.61 20.72 -10.64
CA LYS B 51 20.83 21.50 -10.43
C LYS B 51 20.99 21.92 -8.96
N SER B 67 26.58 2.58 -1.40
CA SER B 67 26.80 3.30 -2.65
C SER B 67 25.92 2.72 -3.77
N GLY B 68 25.93 3.38 -4.93
CA GLY B 68 25.12 2.98 -6.06
C GLY B 68 23.81 3.74 -6.19
N ILE B 69 23.35 4.39 -5.12
CA ILE B 69 22.15 5.20 -5.15
C ILE B 69 22.56 6.62 -4.77
N PHE B 70 22.21 7.58 -5.62
CA PHE B 70 22.61 8.97 -5.43
C PHE B 70 21.46 9.76 -4.80
N GLU B 71 21.82 10.71 -3.94
CA GLU B 71 20.85 11.50 -3.19
C GLU B 71 21.12 12.98 -3.41
N THR B 72 20.03 13.75 -3.53
CA THR B 72 20.11 15.20 -3.59
C THR B 72 19.14 15.77 -2.57
N LYS B 73 19.47 16.94 -2.03
CA LYS B 73 18.65 17.59 -1.02
C LYS B 73 18.68 19.09 -1.26
N PHE B 74 17.52 19.67 -1.55
CA PHE B 74 17.42 21.10 -1.83
C PHE B 74 16.24 21.72 -1.09
N GLN B 75 16.40 22.97 -0.70
CA GLN B 75 15.40 23.69 0.08
C GLN B 75 14.81 24.82 -0.75
N VAL B 76 13.49 24.85 -0.86
CA VAL B 76 12.76 25.93 -1.50
C VAL B 76 11.62 26.34 -0.58
N ASP B 77 11.41 27.65 -0.45
CA ASP B 77 10.35 28.21 0.40
C ASP B 77 10.39 27.62 1.81
N LYS B 78 11.60 27.41 2.32
CA LYS B 78 11.81 26.88 3.68
C LYS B 78 11.18 25.50 3.86
N VAL B 79 11.22 24.68 2.81
CA VAL B 79 10.84 23.28 2.91
C VAL B 79 11.93 22.45 2.22
N ASN B 80 12.20 21.27 2.77
CA ASN B 80 13.30 20.45 2.27
C ASN B 80 12.78 19.30 1.41
N PHE B 81 13.37 19.14 0.22
CA PHE B 81 13.08 18.04 -0.67
C PHE B 81 14.31 17.17 -0.80
N HIS B 82 14.12 15.87 -0.54
CA HIS B 82 15.16 14.87 -0.68
C HIS B 82 14.79 13.93 -1.81
N MET B 83 15.63 13.87 -2.83
CA MET B 83 15.35 13.11 -4.05
C MET B 83 16.39 12.01 -4.23
N PHE B 84 15.91 10.79 -4.45
CA PHE B 84 16.77 9.63 -4.60
C PHE B 84 16.73 9.14 -6.04
N ASP B 85 17.89 8.85 -6.61
CA ASP B 85 17.99 8.25 -7.93
C ASP B 85 18.79 6.96 -7.82
N VAL B 86 18.36 5.93 -8.53
CA VAL B 86 18.95 4.60 -8.42
C VAL B 86 19.61 4.25 -9.76
N GLY B 87 20.89 3.92 -9.71
CA GLY B 87 21.62 3.55 -10.90
C GLY B 87 22.40 2.25 -10.77
N GLY B 88 22.51 1.75 -9.53
CA GLY B 88 23.30 0.55 -9.28
C GLY B 88 22.60 -0.76 -9.54
N GLN B 89 21.31 -0.75 -9.87
CA GLN B 89 20.59 -1.99 -10.07
C GLN B 89 20.80 -2.51 -11.49
N ARG B 90 20.57 -3.81 -11.66
CA ARG B 90 20.92 -4.52 -12.90
C ARG B 90 19.69 -4.60 -13.79
N ASP B 91 19.28 -3.43 -14.31
CA ASP B 91 18.27 -3.31 -15.35
C ASP B 91 17.02 -4.17 -15.11
N GLU B 92 16.57 -4.25 -13.86
CA GLU B 92 15.39 -5.05 -13.53
C GLU B 92 14.68 -4.37 -12.37
N ARG B 93 13.63 -3.60 -12.66
CA ARG B 93 12.98 -2.74 -11.69
C ARG B 93 11.67 -3.31 -11.18
N ARG B 94 11.33 -4.55 -11.52
CA ARG B 94 10.05 -5.11 -11.11
C ARG B 94 10.01 -5.44 -9.64
N LYS B 95 11.14 -5.47 -8.95
CA LYS B 95 11.13 -5.86 -7.55
C LYS B 95 11.59 -4.76 -6.60
N TRP B 96 12.69 -4.07 -6.90
CA TRP B 96 13.20 -3.06 -5.98
C TRP B 96 12.45 -1.75 -6.06
N ILE B 97 11.61 -1.54 -7.07
CA ILE B 97 10.84 -0.30 -7.14
C ILE B 97 9.75 -0.25 -6.08
N GLN B 98 9.41 -1.40 -5.47
CA GLN B 98 8.41 -1.43 -4.42
C GLN B 98 8.89 -0.73 -3.15
N CYS B 99 10.20 -0.53 -3.00
CA CYS B 99 10.72 0.18 -1.84
C CYS B 99 10.32 1.64 -1.81
N PHE B 100 9.90 2.19 -2.95
CA PHE B 100 9.48 3.59 -3.04
C PHE B 100 7.97 3.72 -2.98
N ASN B 101 7.32 2.87 -2.19
CA ASN B 101 5.87 2.94 -2.04
C ASN B 101 5.43 4.15 -1.23
N ASP B 102 6.31 4.72 -0.41
CA ASP B 102 5.95 5.82 0.47
C ASP B 102 6.45 7.18 -0.01
N VAL B 103 7.10 7.25 -1.18
CA VAL B 103 7.58 8.54 -1.67
C VAL B 103 6.40 9.43 -2.04
N THR B 104 6.61 10.74 -1.93
CA THR B 104 5.53 11.68 -2.24
C THR B 104 5.30 11.82 -3.73
N ALA B 105 6.35 11.72 -4.54
CA ALA B 105 6.21 11.89 -5.98
C ALA B 105 7.35 11.19 -6.71
N ILE B 106 7.06 10.81 -7.95
CA ILE B 106 8.03 10.21 -8.85
C ILE B 106 8.29 11.19 -9.99
N ILE B 107 9.46 11.81 -10.00
CA ILE B 107 9.85 12.73 -11.05
C ILE B 107 10.37 11.90 -12.22
N PHE B 108 9.56 11.77 -13.26
CA PHE B 108 9.90 10.98 -14.43
C PHE B 108 10.36 11.90 -15.55
N VAL B 109 11.60 11.72 -15.99
CA VAL B 109 12.20 12.55 -17.02
C VAL B 109 12.28 11.74 -18.31
N VAL B 110 11.89 12.37 -19.42
CA VAL B 110 11.85 11.71 -20.72
C VAL B 110 12.46 12.65 -21.76
N ASP B 111 13.35 12.11 -22.60
CA ASP B 111 13.98 12.88 -23.66
C ASP B 111 12.96 13.08 -24.78
N SER B 112 12.43 14.29 -24.90
CA SER B 112 11.48 14.60 -25.95
C SER B 112 12.15 14.80 -27.30
N SER B 113 13.44 15.11 -27.29
CA SER B 113 14.14 15.41 -28.55
C SER B 113 14.21 14.20 -29.46
N ASP B 114 14.52 13.04 -28.90
CA ASP B 114 14.74 11.83 -29.69
C ASP B 114 13.39 11.23 -30.05
N TYR B 115 13.04 11.30 -31.34
CA TYR B 115 11.82 10.65 -31.81
C TYR B 115 11.89 9.14 -31.61
N ASN B 116 13.03 8.54 -31.93
CA ASN B 116 13.25 7.14 -31.60
C ASN B 116 13.41 6.99 -30.09
N ARG B 117 13.12 5.79 -29.60
CA ARG B 117 13.16 5.39 -28.19
C ARG B 117 12.07 6.08 -27.38
N LEU B 118 11.24 6.93 -27.99
CA LEU B 118 10.16 7.55 -27.24
C LEU B 118 9.08 6.55 -26.86
N GLN B 119 8.87 5.54 -27.70
CA GLN B 119 7.92 4.48 -27.35
C GLN B 119 8.38 3.73 -26.11
N GLU B 120 9.69 3.55 -25.95
CA GLU B 120 10.20 2.94 -24.73
C GLU B 120 9.87 3.78 -23.50
N ALA B 121 10.00 5.12 -23.62
CA ALA B 121 9.63 5.99 -22.53
C ALA B 121 8.13 5.90 -22.23
N LEU B 122 7.31 5.83 -23.27
CA LEU B 122 5.87 5.69 -23.07
C LEU B 122 5.54 4.38 -22.36
N ASN B 123 6.19 3.29 -22.76
CA ASN B 123 5.95 2.00 -22.12
C ASN B 123 6.40 2.02 -20.66
N ASP B 124 7.55 2.64 -20.38
CA ASP B 124 8.01 2.75 -19.00
C ASP B 124 7.05 3.57 -18.16
N PHE B 125 6.55 4.69 -18.71
CA PHE B 125 5.59 5.52 -17.99
C PHE B 125 4.31 4.74 -17.72
N LYS B 126 3.84 3.98 -18.71
CA LYS B 126 2.63 3.18 -18.53
C LYS B 126 2.85 2.11 -17.45
N SER B 127 4.00 1.45 -17.46
CA SER B 127 4.30 0.43 -16.47
C SER B 127 4.36 1.03 -15.07
N ILE B 128 4.96 2.21 -14.93
CA ILE B 128 4.99 2.89 -13.63
C ILE B 128 3.58 3.26 -13.20
N TRP B 129 2.76 3.76 -14.14
CA TRP B 129 1.42 4.23 -13.80
C TRP B 129 0.52 3.06 -13.38
N ASN B 130 0.65 1.91 -14.02
CA ASN B 130 -0.24 0.79 -13.79
C ASN B 130 0.22 -0.13 -12.68
N ASN B 131 1.32 0.18 -12.00
CA ASN B 131 1.78 -0.65 -10.89
C ASN B 131 0.86 -0.50 -9.69
N ARG B 132 0.56 -1.62 -9.03
CA ARG B 132 -0.27 -1.58 -7.83
C ARG B 132 0.38 -0.80 -6.71
N TRP B 133 1.68 -1.00 -6.48
CA TRP B 133 2.40 -0.34 -5.41
C TRP B 133 2.78 1.09 -5.75
N LEU B 134 2.59 1.52 -6.99
CA LEU B 134 2.78 2.91 -7.39
C LEU B 134 1.49 3.57 -7.83
N ARG B 135 0.35 2.91 -7.65
CA ARG B 135 -0.93 3.48 -8.08
C ARG B 135 -1.25 4.75 -7.30
N THR B 136 -1.03 4.73 -5.99
CA THR B 136 -1.33 5.92 -5.18
C THR B 136 -0.27 6.99 -5.35
N ILE B 137 0.90 6.63 -5.90
CA ILE B 137 1.97 7.60 -6.06
C ILE B 137 1.73 8.45 -7.30
N SER B 138 1.97 9.75 -7.18
CA SER B 138 1.77 10.69 -8.28
C SER B 138 3.09 10.93 -9.00
N VAL B 139 3.02 11.16 -10.30
CA VAL B 139 4.22 11.37 -11.10
C VAL B 139 4.27 12.83 -11.55
N ILE B 140 5.48 13.30 -11.81
CA ILE B 140 5.74 14.64 -12.33
C ILE B 140 6.55 14.44 -13.60
N LEU B 141 5.97 14.80 -14.75
CA LEU B 141 6.62 14.53 -16.03
C LEU B 141 7.52 15.70 -16.42
N PHE B 142 8.72 15.38 -16.87
CA PHE B 142 9.69 16.38 -17.34
C PHE B 142 10.13 16.01 -18.75
N LEU B 143 9.59 16.72 -19.74
CA LEU B 143 9.97 16.53 -21.14
C LEU B 143 11.24 17.32 -21.39
N ASN B 144 12.38 16.67 -21.21
CA ASN B 144 13.67 17.34 -21.28
C ASN B 144 14.09 17.57 -22.72
N LYS B 145 15.13 18.39 -22.90
CA LYS B 145 15.69 18.71 -24.22
C LYS B 145 14.61 19.26 -25.17
N GLN B 146 13.84 20.23 -24.66
CA GLN B 146 12.81 20.86 -25.47
C GLN B 146 13.41 21.64 -26.63
N ASP B 147 14.52 22.35 -26.38
CA ASP B 147 15.14 23.16 -27.44
C ASP B 147 15.67 22.29 -28.56
N LEU B 148 16.21 21.11 -28.23
CA LEU B 148 16.66 20.19 -29.27
C LEU B 148 15.50 19.70 -30.12
N LEU B 149 14.35 19.42 -29.49
CA LEU B 149 13.17 19.03 -30.26
C LEU B 149 12.72 20.17 -31.17
N ALA B 150 12.73 21.41 -30.66
CA ALA B 150 12.35 22.55 -31.48
C ALA B 150 13.29 22.70 -32.67
N GLU B 151 14.59 22.53 -32.45
CA GLU B 151 15.57 22.63 -33.53
C GLU B 151 15.34 21.52 -34.56
N LYS B 152 15.06 20.31 -34.10
CA LYS B 152 14.80 19.21 -35.02
C LYS B 152 13.54 19.47 -35.86
N VAL B 153 12.49 20.00 -35.23
CA VAL B 153 11.27 20.33 -35.96
C VAL B 153 11.54 21.42 -36.98
N LEU B 154 12.31 22.45 -36.60
CA LEU B 154 12.63 23.53 -37.53
C LEU B 154 13.45 23.02 -38.71
N ALA B 155 14.41 22.13 -38.46
CA ALA B 155 15.20 21.58 -39.55
C ALA B 155 14.34 20.77 -40.52
N GLY B 156 13.44 19.95 -40.00
CA GLY B 156 12.55 19.17 -40.82
C GLY B 156 13.16 17.93 -41.43
N LYS B 157 14.42 17.62 -41.12
CA LYS B 157 15.04 16.42 -41.68
C LYS B 157 14.36 15.16 -41.18
N SER B 158 14.00 15.12 -39.90
CA SER B 158 13.34 13.98 -39.29
C SER B 158 11.87 14.28 -39.09
N LYS B 159 11.01 13.39 -39.55
CA LYS B 159 9.56 13.56 -39.47
C LYS B 159 9.01 12.72 -38.33
N ILE B 160 8.25 13.36 -37.44
CA ILE B 160 7.60 12.65 -36.36
C ILE B 160 6.50 11.73 -36.88
N GLU B 161 6.03 11.95 -38.11
CA GLU B 161 4.99 11.11 -38.67
C GLU B 161 5.47 9.67 -38.85
N ASP B 162 6.74 9.50 -39.23
CA ASP B 162 7.26 8.15 -39.48
C ASP B 162 7.20 7.29 -38.22
N TYR B 163 7.69 7.83 -37.09
CA TYR B 163 7.65 7.06 -35.85
C TYR B 163 6.25 7.04 -35.25
N PHE B 164 5.51 8.14 -35.38
CA PHE B 164 4.15 8.24 -34.86
C PHE B 164 3.21 8.60 -36.00
N PRO B 165 2.53 7.63 -36.60
CA PRO B 165 1.64 7.91 -37.74
C PRO B 165 0.37 8.67 -37.37
N GLU B 166 0.05 8.79 -36.09
CA GLU B 166 -1.15 9.50 -35.65
C GLU B 166 -0.93 11.01 -35.58
N PHE B 167 0.30 11.48 -35.77
CA PHE B 167 0.59 12.91 -35.71
C PHE B 167 0.10 13.66 -36.94
N ALA B 168 -0.05 12.97 -38.07
CA ALA B 168 -0.44 13.66 -39.31
C ALA B 168 -1.84 14.23 -39.22
N ARG B 169 -2.73 13.61 -38.43
CA ARG B 169 -4.10 14.05 -38.30
C ARG B 169 -4.34 14.83 -37.01
N TYR B 170 -3.30 15.25 -36.32
CA TYR B 170 -3.42 15.94 -35.04
C TYR B 170 -3.38 17.44 -35.28
N THR B 171 -4.50 18.12 -35.01
CA THR B 171 -4.54 19.57 -35.06
C THR B 171 -4.22 20.16 -33.69
N THR B 172 -3.71 21.38 -33.69
CA THR B 172 -3.37 22.05 -32.44
C THR B 172 -4.65 22.36 -31.66
N PRO B 173 -4.63 22.25 -30.33
CA PRO B 173 -5.80 22.64 -29.54
C PRO B 173 -6.14 24.11 -29.74
N GLU B 174 -7.44 24.40 -29.80
CA GLU B 174 -7.89 25.76 -30.07
C GLU B 174 -7.65 26.67 -28.87
N ASP B 175 -7.96 26.18 -27.66
CA ASP B 175 -7.82 27.02 -26.47
C ASP B 175 -6.35 27.21 -26.10
N ALA B 176 -5.50 26.27 -26.46
CA ALA B 176 -4.09 26.33 -26.09
C ALA B 176 -3.39 27.48 -26.81
N THR B 177 -2.39 28.06 -26.13
CA THR B 177 -1.60 29.15 -26.68
C THR B 177 -0.24 29.17 -25.99
N PRO B 178 0.85 29.14 -26.76
CA PRO B 178 2.19 29.26 -26.16
C PRO B 178 2.48 30.66 -25.67
N GLU B 179 3.38 30.74 -24.68
CA GLU B 179 3.72 32.03 -24.10
C GLU B 179 4.54 32.90 -25.04
N PRO B 180 5.70 32.45 -25.56
CA PRO B 180 6.51 33.36 -26.40
C PRO B 180 6.03 33.45 -27.82
N GLY B 181 4.95 32.73 -28.16
CA GLY B 181 4.49 32.68 -29.53
C GLY B 181 5.35 31.80 -30.40
N GLU B 182 5.44 30.52 -30.04
CA GLU B 182 6.29 29.59 -30.76
C GLU B 182 5.73 29.31 -32.15
N ASP B 183 6.58 28.72 -32.99
CA ASP B 183 6.15 28.32 -34.33
C ASP B 183 5.04 27.28 -34.20
N PRO B 184 4.01 27.34 -35.05
CA PRO B 184 2.91 26.38 -34.94
C PRO B 184 3.33 24.93 -35.04
N ARG B 185 4.36 24.62 -35.83
CA ARG B 185 4.85 23.25 -35.91
C ARG B 185 5.40 22.78 -34.57
N VAL B 186 6.19 23.63 -33.92
CA VAL B 186 6.78 23.27 -32.63
C VAL B 186 5.69 23.08 -31.59
N THR B 187 4.71 24.00 -31.55
CA THR B 187 3.61 23.88 -30.60
C THR B 187 2.82 22.60 -30.84
N ARG B 188 2.55 22.29 -32.11
CA ARG B 188 1.81 21.08 -32.45
C ARG B 188 2.57 19.83 -32.01
N ALA B 189 3.87 19.77 -32.27
CA ALA B 189 4.67 18.62 -31.87
C ALA B 189 4.70 18.49 -30.35
N LYS B 190 4.92 19.59 -29.65
CA LYS B 190 4.98 19.55 -28.19
C LYS B 190 3.65 19.09 -27.61
N TYR B 191 2.53 19.60 -28.14
CA TYR B 191 1.24 19.21 -27.61
C TYR B 191 0.90 17.77 -27.93
N PHE B 192 1.33 17.27 -29.09
CA PHE B 192 1.14 15.86 -29.40
C PHE B 192 1.92 14.98 -28.43
N ILE B 193 3.18 15.35 -28.17
CA ILE B 193 4.01 14.57 -27.25
C ILE B 193 3.39 14.55 -25.86
N ARG B 194 2.94 15.72 -25.39
CA ARG B 194 2.33 15.79 -24.07
C ARG B 194 1.00 15.04 -24.04
N LYS B 195 0.24 15.08 -25.14
CA LYS B 195 -1.04 14.40 -25.20
C LYS B 195 -0.86 12.89 -25.13
N GLU B 196 0.22 12.37 -25.70
CA GLU B 196 0.49 10.94 -25.56
C GLU B 196 0.56 10.55 -24.08
N PHE B 197 1.38 11.27 -23.31
CA PHE B 197 1.54 10.93 -21.89
C PHE B 197 0.25 11.16 -21.11
N VAL B 198 -0.47 12.24 -21.36
CA VAL B 198 -1.69 12.47 -20.61
C VAL B 198 -2.78 11.47 -20.97
N ASP B 199 -2.81 10.99 -22.21
CA ASP B 199 -3.76 9.93 -22.57
C ASP B 199 -3.38 8.62 -21.91
N ILE B 200 -2.09 8.32 -21.79
CA ILE B 200 -1.66 7.16 -21.03
C ILE B 200 -2.09 7.30 -19.57
N SER B 201 -1.96 8.50 -19.02
CA SER B 201 -2.27 8.71 -17.60
C SER B 201 -3.76 8.60 -17.33
N THR B 202 -4.59 9.28 -18.12
CA THR B 202 -6.02 9.38 -17.81
C THR B 202 -6.73 8.06 -17.99
N ALA B 203 -6.14 7.14 -18.76
CA ALA B 203 -6.80 5.86 -19.00
C ALA B 203 -6.96 5.07 -17.69
N SER B 204 -5.95 5.09 -16.84
CA SER B 204 -5.97 4.32 -15.60
C SER B 204 -5.76 5.18 -14.35
N GLY B 205 -5.84 6.51 -14.46
CA GLY B 205 -5.65 7.35 -13.29
C GLY B 205 -6.67 7.09 -12.20
N ASP B 206 -7.95 7.06 -12.59
CA ASP B 206 -9.08 6.78 -11.71
C ASP B 206 -9.22 7.79 -10.58
N GLY B 207 -8.48 8.90 -10.61
CA GLY B 207 -8.57 9.93 -9.61
C GLY B 207 -7.62 9.78 -8.44
N ARG B 208 -7.04 8.59 -8.24
CA ARG B 208 -6.09 8.41 -7.15
C ARG B 208 -4.83 9.25 -7.34
N HIS B 209 -4.29 9.25 -8.56
CA HIS B 209 -3.10 10.01 -8.87
C HIS B 209 -3.26 10.69 -10.23
N ILE B 210 -2.57 11.80 -10.40
CA ILE B 210 -2.66 12.61 -11.62
C ILE B 210 -1.27 13.04 -12.03
N CYS B 211 -0.99 12.99 -13.32
CA CYS B 211 0.29 13.40 -13.87
C CYS B 211 0.37 14.92 -13.96
N TYR B 212 1.59 15.44 -13.88
CA TYR B 212 1.85 16.88 -13.98
C TYR B 212 2.90 17.09 -15.06
N PRO B 213 2.49 17.06 -16.33
CA PRO B 213 3.46 17.22 -17.42
C PRO B 213 4.05 18.62 -17.44
N HIS B 214 5.30 18.71 -17.91
CA HIS B 214 6.01 19.97 -18.00
C HIS B 214 7.01 19.90 -19.14
N PHE B 215 7.44 21.08 -19.60
CA PHE B 215 8.50 21.21 -20.58
C PHE B 215 9.69 21.92 -19.94
N THR B 216 10.89 21.42 -20.21
CA THR B 216 12.08 21.96 -19.58
C THR B 216 13.27 21.81 -20.50
N CYS B 217 14.32 22.57 -20.22
CA CYS B 217 15.56 22.55 -20.97
C CYS B 217 16.71 22.36 -19.99
N ALA B 218 17.87 22.00 -20.53
CA ALA B 218 19.06 21.81 -19.68
C ALA B 218 19.47 23.12 -19.00
N VAL B 219 19.17 24.27 -19.63
CA VAL B 219 19.50 25.56 -19.05
C VAL B 219 18.39 26.11 -18.17
N ASP B 220 17.22 25.47 -18.16
CA ASP B 220 16.11 25.96 -17.35
C ASP B 220 16.45 25.89 -15.86
N THR B 221 16.05 26.92 -15.12
CA THR B 221 16.41 27.05 -13.72
C THR B 221 15.22 26.95 -12.76
N GLU B 222 14.00 27.10 -13.25
CA GLU B 222 12.82 27.09 -12.38
C GLU B 222 12.20 25.71 -12.23
N ASN B 223 12.97 24.65 -12.48
CA ASN B 223 12.44 23.30 -12.27
C ASN B 223 12.10 23.05 -10.81
N ALA B 224 12.93 23.59 -9.90
CA ALA B 224 12.68 23.39 -8.47
C ALA B 224 11.34 23.99 -8.06
N ARG B 225 11.01 25.18 -8.59
CA ARG B 225 9.73 25.80 -8.25
C ARG B 225 8.56 24.99 -8.80
N ARG B 226 8.70 24.44 -10.01
CA ARG B 226 7.66 23.59 -10.56
C ARG B 226 7.46 22.35 -9.70
N ILE B 227 8.57 21.74 -9.26
CA ILE B 227 8.48 20.57 -8.40
C ILE B 227 7.81 20.92 -7.08
N PHE B 228 8.16 22.08 -6.51
CA PHE B 228 7.54 22.51 -5.26
C PHE B 228 6.04 22.72 -5.42
N ASN B 229 5.63 23.36 -6.51
CA ASN B 229 4.20 23.57 -6.74
C ASN B 229 3.47 22.25 -6.95
N ASP B 230 4.07 21.34 -7.70
CA ASP B 230 3.43 20.04 -7.93
C ASP B 230 3.32 19.25 -6.63
N CYS B 231 4.36 19.28 -5.79
CA CYS B 231 4.28 18.61 -4.50
C CYS B 231 3.22 19.25 -3.61
N LYS B 232 3.10 20.58 -3.66
CA LYS B 232 2.05 21.26 -2.91
C LYS B 232 0.68 20.80 -3.37
N ASP B 233 0.47 20.67 -4.68
CA ASP B 233 -0.80 20.21 -5.20
C ASP B 233 -1.08 18.76 -4.78
N ILE B 234 -0.05 17.92 -4.82
CA ILE B 234 -0.21 16.52 -4.43
C ILE B 234 -0.59 16.42 -2.96
N ILE B 235 0.08 17.21 -2.11
CA ILE B 235 -0.24 17.20 -0.68
C ILE B 235 -1.63 17.77 -0.44
N LEU B 236 -2.05 18.77 -1.22
CA LEU B 236 -3.41 19.28 -1.10
C LEU B 236 -4.44 18.21 -1.44
N GLN B 237 -4.19 17.44 -2.50
CA GLN B 237 -5.07 16.33 -2.83
C GLN B 237 -5.08 15.28 -1.73
N MET B 238 -3.90 14.99 -1.16
CA MET B 238 -3.82 14.02 -0.08
C MET B 238 -4.60 14.49 1.14
N ASN B 239 -4.53 15.78 1.46
CA ASN B 239 -5.30 16.31 2.59
C ASN B 239 -6.79 16.30 2.29
N LEU B 240 -7.19 16.56 1.05
CA LEU B 240 -8.59 16.46 0.68
C LEU B 240 -9.10 15.04 0.86
N ARG B 241 -8.31 14.05 0.45
CA ARG B 241 -8.71 12.66 0.61
C ARG B 241 -8.63 12.21 2.06
N GLU B 242 -7.78 12.84 2.86
CA GLU B 242 -7.54 12.38 4.23
C GLU B 242 -8.51 13.01 5.22
N TYR B 243 -8.89 14.27 4.99
CA TYR B 243 -9.75 15.01 5.91
C TYR B 243 -11.22 14.83 5.60
N ASN B 244 -11.60 13.68 5.03
CA ASN B 244 -12.96 13.32 4.66
C ASN B 244 -13.70 14.46 3.97
N LEU B 245 -13.00 15.18 3.10
CA LEU B 245 -13.59 16.21 2.25
C LEU B 245 -13.93 15.70 0.86
N VAL B 246 -13.75 14.40 0.62
CA VAL B 246 -14.03 13.76 -0.67
C VAL B 246 -13.16 14.33 -1.79
N GLN C 10 29.99 -20.08 -22.10
CA GLN C 10 28.65 -19.73 -21.64
C GLN C 10 27.75 -20.97 -21.60
N ALA C 11 27.41 -21.48 -22.79
CA ALA C 11 26.57 -22.67 -22.87
C ALA C 11 27.28 -23.89 -22.34
N ARG C 12 28.61 -23.92 -22.40
CA ARG C 12 29.37 -25.05 -21.86
C ARG C 12 29.16 -25.20 -20.37
N LYS C 13 29.16 -24.08 -19.63
CA LYS C 13 28.90 -24.13 -18.20
C LYS C 13 27.49 -24.65 -17.93
N LEU C 14 26.51 -24.20 -18.71
CA LEU C 14 25.14 -24.64 -18.50
C LEU C 14 24.99 -26.14 -18.76
N VAL C 15 25.59 -26.64 -19.84
CA VAL C 15 25.46 -28.07 -20.13
C VAL C 15 26.24 -28.90 -19.11
N GLU C 16 27.37 -28.41 -18.61
CA GLU C 16 28.08 -29.11 -17.55
C GLU C 16 27.25 -29.17 -16.28
N GLN C 17 26.58 -28.06 -15.93
CA GLN C 17 25.70 -28.05 -14.77
C GLN C 17 24.53 -29.02 -14.95
N LEU C 18 23.95 -29.06 -16.15
CA LEU C 18 22.87 -30.00 -16.42
C LEU C 18 23.35 -31.44 -16.29
N LYS C 19 24.54 -31.74 -16.81
CA LYS C 19 25.09 -33.09 -16.70
C LYS C 19 25.33 -33.46 -15.24
N MET C 20 25.86 -32.52 -14.44
CA MET C 20 26.06 -32.79 -13.03
C MET C 20 24.75 -33.03 -12.30
N GLU C 21 23.72 -32.24 -12.65
CA GLU C 21 22.42 -32.39 -12.00
C GLU C 21 21.77 -33.72 -12.38
N ALA C 22 21.94 -34.15 -13.64
CA ALA C 22 21.31 -35.38 -14.09
C ALA C 22 21.84 -36.59 -13.32
N ASN C 23 23.13 -36.59 -12.98
CA ASN C 23 23.76 -37.70 -12.28
C ASN C 23 23.48 -37.57 -10.78
N ILE C 24 22.26 -37.94 -10.40
CA ILE C 24 21.82 -37.93 -9.01
C ILE C 24 20.87 -39.08 -8.79
N ASP C 25 20.89 -39.66 -7.59
CA ASP C 25 20.03 -40.77 -7.24
C ASP C 25 18.85 -40.27 -6.42
N ARG C 26 17.64 -40.57 -6.87
CA ARG C 26 16.42 -40.12 -6.21
C ARG C 26 15.75 -41.30 -5.50
N ILE C 27 14.76 -40.96 -4.68
CA ILE C 27 13.92 -41.94 -4.01
C ILE C 27 12.49 -41.72 -4.48
N LYS C 28 11.65 -42.74 -4.31
CA LYS C 28 10.28 -42.65 -4.76
C LYS C 28 9.49 -41.68 -3.89
N VAL C 29 8.40 -41.16 -4.46
CA VAL C 29 7.59 -40.17 -3.76
C VAL C 29 6.98 -40.76 -2.49
N SER C 30 6.62 -42.05 -2.54
CA SER C 30 5.98 -42.68 -1.38
C SER C 30 6.89 -42.67 -0.16
N LYS C 31 8.18 -42.96 -0.35
CA LYS C 31 9.11 -42.97 0.78
C LYS C 31 9.28 -41.58 1.39
N ALA C 32 9.41 -40.55 0.55
CA ALA C 32 9.54 -39.19 1.06
C ALA C 32 8.29 -38.75 1.80
N ALA C 33 7.11 -39.08 1.25
CA ALA C 33 5.86 -38.74 1.91
C ALA C 33 5.75 -39.46 3.25
N ALA C 34 6.14 -40.73 3.30
CA ALA C 34 6.11 -41.48 4.55
C ALA C 34 7.05 -40.87 5.57
N ASP C 35 8.24 -40.45 5.14
CA ASP C 35 9.18 -39.82 6.06
C ASP C 35 8.61 -38.51 6.61
N LEU C 36 8.01 -37.70 5.75
CA LEU C 36 7.43 -36.44 6.21
C LEU C 36 6.29 -36.69 7.19
N MET C 37 5.43 -37.67 6.87
CA MET C 37 4.32 -37.99 7.77
C MET C 37 4.83 -38.51 9.11
N ALA C 38 5.86 -39.36 9.09
CA ALA C 38 6.42 -39.89 10.33
C ALA C 38 7.02 -38.78 11.18
N TYR C 39 7.74 -37.85 10.55
CA TYR C 39 8.29 -36.72 11.30
C TYR C 39 7.18 -35.87 11.90
N CYS C 40 6.14 -35.60 11.11
CA CYS C 40 5.03 -34.79 11.61
C CYS C 40 4.34 -35.46 12.79
N GLU C 41 4.12 -36.77 12.71
CA GLU C 41 3.50 -37.48 13.82
C GLU C 41 4.40 -37.51 15.04
N ALA C 42 5.71 -37.70 14.83
CA ALA C 42 6.64 -37.77 15.96
C ALA C 42 6.73 -36.44 16.69
N HIS C 43 6.75 -35.33 15.96
CA HIS C 43 6.90 -34.02 16.57
C HIS C 43 5.59 -33.27 16.74
N ALA C 44 4.45 -33.95 16.54
CA ALA C 44 3.17 -33.28 16.67
C ALA C 44 2.90 -32.84 18.11
N LYS C 45 3.20 -33.70 19.08
CA LYS C 45 2.90 -33.39 20.48
C LYS C 45 3.73 -32.21 20.98
N GLU C 46 4.99 -32.11 20.55
CA GLU C 46 5.86 -31.04 21.03
C GLU C 46 5.42 -29.70 20.48
N ASP C 47 4.79 -29.67 19.32
CA ASP C 47 4.37 -28.42 18.69
C ASP C 47 3.25 -27.78 19.49
N PRO C 48 3.42 -26.55 19.99
CA PRO C 48 2.34 -25.87 20.71
C PRO C 48 1.34 -25.20 19.77
N LEU C 49 1.79 -24.87 18.56
CA LEU C 49 0.88 -24.29 17.57
C LEU C 49 -0.15 -25.31 17.11
N LEU C 50 0.29 -26.53 16.82
CA LEU C 50 -0.63 -27.57 16.38
C LEU C 50 -1.58 -27.96 17.49
N THR C 51 -1.04 -28.27 18.67
CA THR C 51 -1.85 -28.61 19.84
C THR C 51 -1.68 -27.52 20.88
N PRO C 52 -2.74 -26.81 21.24
CA PRO C 52 -2.59 -25.68 22.18
C PRO C 52 -2.01 -26.11 23.51
N VAL C 53 -1.13 -25.28 24.05
CA VAL C 53 -0.47 -25.53 25.33
C VAL C 53 -1.31 -24.91 26.43
N PRO C 54 -1.14 -25.33 27.70
CA PRO C 54 -1.87 -24.67 28.79
C PRO C 54 -1.52 -23.19 28.87
N ALA C 55 -2.51 -22.38 29.25
CA ALA C 55 -2.32 -20.93 29.30
C ALA C 55 -1.25 -20.54 30.30
N SER C 56 -1.17 -21.25 31.43
CA SER C 56 -0.17 -20.94 32.44
C SER C 56 1.24 -21.14 31.89
N GLU C 57 1.46 -22.24 31.15
CA GLU C 57 2.77 -22.49 30.57
C GLU C 57 3.09 -21.48 29.47
N ASN C 58 2.08 -21.07 28.70
CA ASN C 58 2.27 -20.14 27.59
C ASN C 58 2.75 -18.78 28.09
N PRO C 59 3.97 -18.36 27.73
CA PRO C 59 4.43 -17.03 28.15
C PRO C 59 3.59 -15.89 27.60
N PHE C 60 3.01 -16.05 26.42
CA PHE C 60 2.22 -15.00 25.80
C PHE C 60 0.77 -15.06 26.28
N GLN D 1 8.46 -25.11 -16.63
CA GLN D 1 9.66 -24.32 -16.84
C GLN D 1 9.38 -23.08 -17.67
N VAL D 2 8.11 -22.66 -17.66
CA VAL D 2 7.58 -21.52 -18.42
C VAL D 2 8.25 -21.37 -19.77
N GLN D 3 8.41 -22.49 -20.48
CA GLN D 3 9.07 -22.48 -21.78
C GLN D 3 8.21 -21.81 -22.83
N LEU D 4 8.85 -21.02 -23.70
CA LEU D 4 8.20 -20.36 -24.82
C LEU D 4 8.97 -20.70 -26.08
N GLN D 5 8.35 -21.46 -26.98
CA GLN D 5 8.99 -21.93 -28.21
C GLN D 5 8.42 -21.17 -29.39
N GLU D 6 9.28 -20.43 -30.09
CA GLU D 6 8.86 -19.70 -31.27
C GLU D 6 9.05 -20.55 -32.52
N SER D 7 8.23 -20.26 -33.53
CA SER D 7 8.31 -20.92 -34.82
C SER D 7 7.94 -19.93 -35.91
N GLY D 8 8.50 -20.16 -37.09
CA GLY D 8 8.41 -19.21 -38.18
C GLY D 8 9.69 -18.40 -38.31
N GLY D 9 9.67 -17.47 -39.25
CA GLY D 9 10.81 -16.61 -39.49
C GLY D 9 11.73 -17.16 -40.57
N GLY D 10 12.52 -16.25 -41.14
CA GLY D 10 13.45 -16.60 -42.19
C GLY D 10 13.61 -15.45 -43.15
N LEU D 11 14.20 -15.75 -44.30
CA LEU D 11 14.41 -14.74 -45.33
C LEU D 11 13.10 -14.43 -46.04
N VAL D 12 12.71 -13.15 -46.03
CA VAL D 12 11.48 -12.70 -46.66
C VAL D 12 11.81 -11.50 -47.54
N GLN D 13 11.35 -11.55 -48.78
CA GLN D 13 11.55 -10.45 -49.71
C GLN D 13 10.75 -9.23 -49.25
N PRO D 14 11.20 -8.02 -49.61
CA PRO D 14 10.46 -6.82 -49.21
C PRO D 14 9.03 -6.84 -49.73
N GLY D 15 8.11 -6.36 -48.89
CA GLY D 15 6.70 -6.38 -49.20
C GLY D 15 6.00 -7.69 -48.92
N GLY D 16 6.70 -8.67 -48.36
CA GLY D 16 6.12 -9.97 -48.08
C GLY D 16 5.35 -10.02 -46.78
N SER D 17 4.79 -11.20 -46.50
CA SER D 17 4.02 -11.45 -45.30
C SER D 17 4.51 -12.74 -44.65
N LEU D 18 4.39 -12.79 -43.32
CA LEU D 18 4.89 -13.95 -42.59
C LEU D 18 4.20 -14.05 -41.24
N ARG D 19 3.98 -15.27 -40.78
CA ARG D 19 3.29 -15.53 -39.51
C ARG D 19 4.27 -16.19 -38.54
N LEU D 20 4.47 -15.55 -37.39
CA LEU D 20 5.36 -16.06 -36.34
C LEU D 20 4.52 -16.50 -35.15
N SER D 21 4.66 -17.76 -34.75
CA SER D 21 3.80 -18.32 -33.72
C SER D 21 4.62 -18.89 -32.58
N CYS D 22 4.31 -18.47 -31.36
CA CYS D 22 4.99 -18.96 -30.16
C CYS D 22 4.02 -19.79 -29.33
N ALA D 23 4.42 -21.02 -29.00
CA ALA D 23 3.69 -21.86 -28.09
C ALA D 23 4.28 -21.75 -26.69
N ALA D 24 3.44 -22.03 -25.69
CA ALA D 24 3.78 -21.84 -24.29
C ALA D 24 3.60 -23.14 -23.54
N SER D 25 4.42 -23.35 -22.51
CA SER D 25 4.30 -24.54 -21.67
C SER D 25 4.77 -24.21 -20.27
N GLY D 26 4.12 -24.81 -19.27
CA GLY D 26 4.53 -24.67 -17.88
C GLY D 26 3.71 -23.68 -17.08
N PHE D 27 2.97 -22.79 -17.73
CA PHE D 27 2.16 -21.79 -17.04
C PHE D 27 0.80 -21.67 -17.71
N THR D 28 -0.18 -21.19 -16.95
CA THR D 28 -1.50 -20.93 -17.50
C THR D 28 -1.43 -19.76 -18.47
N PHE D 29 -1.81 -20.01 -19.73
CA PHE D 29 -1.66 -19.00 -20.77
C PHE D 29 -2.59 -17.81 -20.53
N SER D 30 -3.83 -18.08 -20.11
CA SER D 30 -4.86 -17.04 -20.08
C SER D 30 -4.54 -15.96 -19.06
N ASN D 31 -3.83 -16.31 -17.99
CA ASN D 31 -3.65 -15.37 -16.88
C ASN D 31 -2.71 -14.23 -17.23
N TYR D 32 -1.73 -14.49 -18.10
CA TYR D 32 -0.64 -13.55 -18.33
C TYR D 32 -0.84 -12.74 -19.60
N LYS D 33 -0.65 -11.42 -19.49
CA LYS D 33 -0.57 -10.58 -20.68
C LYS D 33 0.68 -10.92 -21.48
N MET D 34 0.55 -10.90 -22.81
CA MET D 34 1.63 -11.35 -23.68
C MET D 34 2.15 -10.18 -24.50
N ASN D 35 3.45 -10.19 -24.79
CA ASN D 35 4.09 -9.11 -25.54
C ASN D 35 5.04 -9.69 -26.58
N TRP D 36 5.38 -8.86 -27.55
CA TRP D 36 6.41 -9.18 -28.54
C TRP D 36 7.53 -8.15 -28.44
N VAL D 37 8.76 -8.60 -28.66
CA VAL D 37 9.96 -7.77 -28.56
C VAL D 37 10.79 -7.98 -29.81
N ARG D 38 11.33 -6.89 -30.36
CA ARG D 38 12.19 -6.93 -31.52
C ARG D 38 13.62 -6.54 -31.12
N GLN D 39 14.58 -7.19 -31.77
CA GLN D 39 15.99 -6.83 -31.58
C GLN D 39 16.64 -6.81 -32.96
N ALA D 40 16.82 -5.62 -33.51
CA ALA D 40 17.50 -5.48 -34.78
C ALA D 40 19.01 -5.59 -34.58
N PRO D 41 19.75 -5.98 -35.61
CA PRO D 41 21.22 -5.99 -35.50
C PRO D 41 21.74 -4.61 -35.16
N GLY D 42 22.67 -4.58 -34.20
CA GLY D 42 23.19 -3.31 -33.71
C GLY D 42 22.15 -2.44 -33.03
N LYS D 43 21.08 -3.05 -32.50
CA LYS D 43 20.01 -2.31 -31.84
C LYS D 43 19.59 -3.06 -30.59
N GLY D 44 19.05 -2.30 -29.62
CA GLY D 44 18.59 -2.90 -28.39
C GLY D 44 17.19 -3.46 -28.50
N LEU D 45 16.77 -4.13 -27.43
CA LEU D 45 15.42 -4.69 -27.37
C LEU D 45 14.38 -3.58 -27.33
N GLU D 46 13.30 -3.77 -28.09
CA GLU D 46 12.23 -2.79 -28.17
C GLU D 46 10.89 -3.50 -28.19
N TRP D 47 9.92 -2.94 -27.46
CA TRP D 47 8.56 -3.45 -27.47
C TRP D 47 7.89 -3.12 -28.80
N VAL D 48 7.18 -4.10 -29.36
CA VAL D 48 6.54 -3.91 -30.65
C VAL D 48 5.04 -4.18 -30.64
N SER D 49 4.52 -5.03 -29.75
CA SER D 49 3.09 -5.33 -29.72
C SER D 49 2.74 -5.94 -28.37
N ASP D 50 1.50 -5.71 -27.94
CA ASP D 50 1.03 -6.22 -26.65
C ASP D 50 -0.42 -6.67 -26.78
N ILE D 51 -0.76 -7.73 -26.07
CA ILE D 51 -2.14 -8.22 -26.01
C ILE D 51 -2.45 -8.65 -24.59
N SER D 52 -3.67 -8.36 -24.14
CA SER D 52 -4.05 -8.58 -22.75
C SER D 52 -4.50 -10.02 -22.54
N GLN D 53 -5.06 -10.29 -21.35
CA GLN D 53 -5.46 -11.64 -20.98
C GLN D 53 -6.62 -12.13 -21.86
N SER D 54 -7.63 -11.30 -22.06
CA SER D 54 -8.82 -11.69 -22.80
C SER D 54 -8.72 -11.37 -24.29
N GLY D 55 -7.66 -10.70 -24.72
CA GLY D 55 -7.52 -10.32 -26.11
C GLY D 55 -8.28 -9.08 -26.52
N ALA D 56 -8.97 -8.43 -25.58
CA ALA D 56 -9.71 -7.23 -25.92
C ALA D 56 -8.77 -6.04 -26.10
N SER D 57 -8.04 -5.69 -25.06
CA SER D 57 -7.05 -4.61 -25.16
C SER D 57 -5.90 -5.05 -26.05
N ILE D 58 -5.43 -4.14 -26.88
CA ILE D 58 -4.38 -4.43 -27.85
C ILE D 58 -3.66 -3.15 -28.20
N SER D 59 -2.34 -3.22 -28.31
CA SER D 59 -1.54 -2.04 -28.59
C SER D 59 -0.37 -2.42 -29.49
N TYR D 60 -0.05 -1.52 -30.41
CA TYR D 60 1.07 -1.66 -31.34
C TYR D 60 2.06 -0.51 -31.15
N THR D 61 3.20 -0.64 -31.81
CA THR D 61 4.12 0.47 -31.93
C THR D 61 3.79 1.28 -33.18
N GLY D 62 4.04 2.59 -33.11
CA GLY D 62 3.69 3.46 -34.21
C GLY D 62 4.36 3.08 -35.52
N SER D 63 5.60 2.61 -35.45
CA SER D 63 6.31 2.20 -36.65
C SER D 63 5.62 1.03 -37.34
N VAL D 64 5.13 0.07 -36.54
CA VAL D 64 4.53 -1.14 -37.09
C VAL D 64 3.01 -1.09 -37.15
N LYS D 65 2.40 0.04 -36.79
CA LYS D 65 0.94 0.12 -36.78
C LYS D 65 0.38 0.03 -38.18
N GLY D 66 -0.72 -0.71 -38.33
CA GLY D 66 -1.36 -0.89 -39.61
C GLY D 66 -0.76 -1.98 -40.48
N ARG D 67 0.29 -2.65 -40.00
CA ARG D 67 0.93 -3.73 -40.75
C ARG D 67 1.14 -5.00 -39.94
N PHE D 68 1.07 -4.93 -38.62
CA PHE D 68 1.27 -6.09 -37.75
C PHE D 68 -0.03 -6.42 -37.03
N THR D 69 -0.33 -7.71 -36.91
CA THR D 69 -1.52 -8.17 -36.22
C THR D 69 -1.13 -9.22 -35.19
N ILE D 70 -1.59 -9.04 -33.95
CA ILE D 70 -1.30 -9.98 -32.86
C ILE D 70 -2.57 -10.72 -32.51
N SER D 71 -2.49 -12.03 -32.41
CA SER D 71 -3.62 -12.90 -32.11
C SER D 71 -3.25 -13.83 -30.98
N ARG D 72 -4.19 -14.08 -30.07
CA ARG D 72 -3.93 -14.87 -28.88
C ARG D 72 -4.97 -15.99 -28.78
N ASP D 73 -4.50 -17.23 -28.66
CA ASP D 73 -5.37 -18.39 -28.55
C ASP D 73 -5.17 -19.04 -27.19
N ASN D 74 -6.12 -18.82 -26.28
CA ASN D 74 -6.02 -19.41 -24.95
C ASN D 74 -6.19 -20.93 -25.00
N ALA D 75 -7.03 -21.43 -25.90
CA ALA D 75 -7.25 -22.88 -25.99
C ALA D 75 -5.98 -23.61 -26.38
N LYS D 76 -5.23 -23.08 -27.34
CA LYS D 76 -4.01 -23.70 -27.82
C LYS D 76 -2.76 -23.19 -27.12
N ASN D 77 -2.91 -22.24 -26.19
CA ASN D 77 -1.78 -21.67 -25.45
C ASN D 77 -0.72 -21.13 -26.39
N THR D 78 -1.17 -20.36 -27.39
CA THR D 78 -0.28 -19.88 -28.44
C THR D 78 -0.55 -18.40 -28.72
N LEU D 79 0.47 -17.74 -29.23
CA LEU D 79 0.40 -16.33 -29.63
C LEU D 79 0.98 -16.20 -31.04
N TYR D 80 0.20 -15.62 -31.95
CA TYR D 80 0.60 -15.46 -33.33
C TYR D 80 0.80 -13.99 -33.65
N LEU D 81 1.71 -13.72 -34.58
CA LEU D 81 1.97 -12.37 -35.09
C LEU D 81 2.03 -12.46 -36.61
N GLN D 82 1.01 -11.91 -37.26
CA GLN D 82 1.00 -11.79 -38.71
C GLN D 82 1.67 -10.48 -39.12
N MET D 83 2.49 -10.55 -40.17
CA MET D 83 3.35 -9.46 -40.59
C MET D 83 3.11 -9.20 -42.07
N ASN D 84 2.58 -8.03 -42.40
CA ASN D 84 2.24 -7.65 -43.75
C ASN D 84 3.06 -6.44 -44.18
N SER D 85 3.36 -6.38 -45.48
CA SER D 85 4.15 -5.29 -46.06
C SER D 85 5.49 -5.14 -45.34
N LEU D 86 6.24 -6.23 -45.29
CA LEU D 86 7.49 -6.26 -44.55
C LEU D 86 8.51 -5.30 -45.16
N LYS D 87 8.92 -4.31 -44.37
CA LYS D 87 9.89 -3.31 -44.78
C LYS D 87 11.31 -3.84 -44.62
N PRO D 88 12.25 -3.34 -45.43
CA PRO D 88 13.65 -3.76 -45.25
C PRO D 88 14.23 -3.44 -43.89
N GLU D 89 13.74 -2.40 -43.21
CA GLU D 89 14.26 -2.06 -41.89
C GLU D 89 13.77 -3.04 -40.84
N ASP D 90 12.68 -3.76 -41.12
CA ASP D 90 12.08 -4.68 -40.16
C ASP D 90 12.72 -6.07 -40.30
N THR D 91 14.04 -6.11 -40.11
CA THR D 91 14.79 -7.35 -40.01
C THR D 91 15.36 -7.44 -38.61
N ALA D 92 14.90 -8.41 -37.83
CA ALA D 92 15.26 -8.47 -36.42
C ALA D 92 14.98 -9.86 -35.87
N VAL D 93 15.46 -10.10 -34.66
CA VAL D 93 15.11 -11.29 -33.90
C VAL D 93 13.89 -10.97 -33.05
N TYR D 94 12.87 -11.80 -33.16
CA TYR D 94 11.62 -11.59 -32.44
C TYR D 94 11.57 -12.53 -31.24
N TYR D 95 11.27 -11.97 -30.07
CA TYR D 95 11.10 -12.72 -28.84
C TYR D 95 9.66 -12.54 -28.35
N CYS D 96 8.96 -13.66 -28.18
CA CYS D 96 7.59 -13.62 -27.68
C CYS D 96 7.63 -13.83 -26.16
N ALA D 97 7.33 -12.77 -25.41
CA ALA D 97 7.58 -12.72 -23.98
C ALA D 97 6.28 -12.62 -23.19
N ARG D 98 6.39 -12.93 -21.90
CA ARG D 98 5.25 -12.98 -20.99
C ARG D 98 5.42 -11.93 -19.90
N CYS D 99 4.28 -11.35 -19.49
CA CYS D 99 4.28 -10.41 -18.39
C CYS D 99 4.77 -11.10 -17.12
N PRO D 100 5.59 -10.43 -16.30
CA PRO D 100 6.18 -11.12 -15.13
C PRO D 100 5.17 -11.66 -14.15
N ALA D 101 4.04 -11.00 -13.96
CA ALA D 101 3.11 -11.46 -12.94
C ALA D 101 1.73 -11.72 -13.52
N PRO D 102 1.01 -12.71 -12.99
CA PRO D 102 -0.35 -12.98 -13.48
C PRO D 102 -1.37 -12.02 -12.89
N PHE D 103 -2.47 -11.84 -13.63
CA PHE D 103 -3.54 -10.93 -13.23
C PHE D 103 -3.01 -9.53 -12.96
N THR D 104 -2.06 -9.10 -13.78
CA THR D 104 -1.33 -7.86 -13.55
C THR D 104 -1.38 -7.00 -14.81
N ARG D 105 -1.76 -5.73 -14.64
CA ARG D 105 -1.83 -4.82 -15.77
C ARG D 105 -0.45 -4.38 -16.24
N ASP D 106 0.45 -4.12 -15.28
CA ASP D 106 1.77 -3.59 -15.61
C ASP D 106 2.76 -4.71 -15.91
N CYS D 107 3.65 -4.44 -16.86
CA CYS D 107 4.73 -5.36 -17.24
C CYS D 107 6.00 -4.53 -17.39
N PHE D 108 6.91 -4.65 -16.42
CA PHE D 108 8.04 -3.74 -16.33
C PHE D 108 9.18 -4.15 -17.27
N ASP D 109 9.68 -5.37 -17.13
CA ASP D 109 10.94 -5.77 -17.74
C ASP D 109 10.74 -6.73 -18.91
N VAL D 110 9.72 -6.48 -19.73
CA VAL D 110 9.53 -7.28 -20.94
C VAL D 110 10.71 -7.12 -21.88
N THR D 111 11.19 -5.90 -22.04
CA THR D 111 12.34 -5.59 -22.90
C THR D 111 13.52 -5.23 -21.99
N SER D 112 14.31 -6.25 -21.64
CA SER D 112 15.48 -6.04 -20.81
C SER D 112 16.46 -7.20 -21.03
N THR D 113 17.71 -6.96 -20.65
CA THR D 113 18.75 -7.98 -20.82
C THR D 113 18.52 -9.12 -19.84
N THR D 114 18.83 -10.34 -20.28
CA THR D 114 18.75 -11.56 -19.48
C THR D 114 17.38 -11.73 -18.80
N TYR D 115 16.30 -11.47 -19.52
CA TYR D 115 14.96 -11.66 -18.99
C TYR D 115 14.58 -13.13 -19.12
N ALA D 116 14.13 -13.73 -18.02
CA ALA D 116 13.89 -15.17 -18.01
C ALA D 116 12.64 -15.54 -18.77
N TYR D 117 11.60 -14.71 -18.71
CA TYR D 117 10.29 -15.07 -19.24
C TYR D 117 10.15 -14.65 -20.70
N ARG D 118 11.03 -15.19 -21.55
CA ARG D 118 10.95 -14.97 -22.98
C ARG D 118 11.58 -16.15 -23.70
N GLY D 119 11.18 -16.34 -24.95
CA GLY D 119 11.73 -17.42 -25.76
C GLY D 119 13.03 -17.03 -26.43
N GLN D 120 13.60 -18.01 -27.14
CA GLN D 120 14.85 -17.77 -27.86
C GLN D 120 14.63 -16.84 -29.05
N GLY D 121 13.41 -16.80 -29.59
CA GLY D 121 13.07 -15.92 -30.68
C GLY D 121 13.46 -16.50 -32.03
N THR D 122 12.96 -15.85 -33.08
CA THR D 122 13.25 -16.24 -34.45
C THR D 122 13.69 -15.02 -35.24
N GLN D 123 14.63 -15.22 -36.16
CA GLN D 123 15.21 -14.12 -36.92
C GLN D 123 14.49 -13.98 -38.26
N VAL D 124 14.05 -12.76 -38.56
CA VAL D 124 13.39 -12.44 -39.82
C VAL D 124 14.24 -11.40 -40.53
N THR D 125 14.73 -11.76 -41.71
CA THR D 125 15.62 -10.88 -42.48
C THR D 125 14.90 -10.41 -43.75
N VAL D 126 14.89 -9.11 -43.96
CA VAL D 126 14.28 -8.53 -45.14
C VAL D 126 15.24 -7.57 -45.83
N LEU E 45 -58.89 15.15 16.06
CA LEU E 45 -59.55 16.28 15.42
C LEU E 45 -58.61 16.91 14.38
N GLU E 46 -59.16 17.82 13.57
CA GLU E 46 -58.37 18.44 12.51
C GLU E 46 -57.26 19.32 13.08
N ASP E 47 -57.48 19.91 14.26
CA ASP E 47 -56.46 20.77 14.85
C ASP E 47 -55.26 19.96 15.32
N LEU E 48 -55.47 18.69 15.64
CA LEU E 48 -54.39 17.82 16.10
C LEU E 48 -53.65 17.11 14.97
N VAL E 49 -54.11 17.26 13.72
CA VAL E 49 -53.43 16.62 12.60
C VAL E 49 -52.03 17.18 12.45
N ALA E 50 -51.88 18.50 12.57
CA ALA E 50 -50.56 19.12 12.45
C ALA E 50 -49.63 18.64 13.56
N THR E 51 -50.12 18.57 14.79
CA THR E 51 -49.28 18.09 15.89
C THR E 51 -48.90 16.63 15.70
N GLY E 52 -49.83 15.80 15.21
CA GLY E 52 -49.51 14.41 14.95
C GLY E 52 -48.46 14.24 13.87
N THR E 53 -48.58 15.00 12.78
CA THR E 53 -47.57 14.93 11.73
C THR E 53 -46.21 15.42 12.22
N ILE E 54 -46.21 16.48 13.03
CA ILE E 54 -44.96 16.97 13.61
C ILE E 54 -44.33 15.89 14.48
N GLY E 55 -45.14 15.22 15.31
CA GLY E 55 -44.61 14.18 16.17
C GLY E 55 -44.06 13.01 15.39
N THR E 56 -44.77 12.57 14.35
CA THR E 56 -44.29 11.46 13.54
C THR E 56 -42.99 11.83 12.82
N LEU E 57 -42.90 13.04 12.28
CA LEU E 57 -41.68 13.49 11.63
C LEU E 57 -40.53 13.53 12.62
N LEU E 58 -40.78 14.03 13.84
CA LEU E 58 -39.74 14.09 14.86
C LEU E 58 -39.27 12.69 15.24
N SER E 59 -40.22 11.74 15.40
CA SER E 59 -39.84 10.38 15.76
C SER E 59 -39.02 9.72 14.66
N ALA E 60 -39.43 9.89 13.40
CA ALA E 60 -38.69 9.31 12.29
C ALA E 60 -37.29 9.89 12.21
N MET E 61 -37.18 11.22 12.34
CA MET E 61 -35.86 11.85 12.33
C MET E 61 -35.01 11.35 13.48
N GLY E 62 -35.60 11.22 14.68
CA GLY E 62 -34.83 10.72 15.81
C GLY E 62 -34.29 9.33 15.58
N VAL E 63 -35.13 8.44 15.04
CA VAL E 63 -34.68 7.07 14.77
C VAL E 63 -33.55 7.07 13.75
N VAL E 64 -33.75 7.79 12.64
CA VAL E 64 -32.75 7.82 11.58
C VAL E 64 -31.43 8.39 12.09
N GLY E 65 -31.50 9.49 12.83
CA GLY E 65 -30.29 10.13 13.33
C GLY E 65 -29.57 9.28 14.36
N VAL E 66 -30.32 8.62 15.26
CA VAL E 66 -29.68 7.75 16.24
C VAL E 66 -28.96 6.61 15.56
N VAL E 67 -29.61 5.99 14.57
CA VAL E 67 -28.98 4.90 13.83
C VAL E 67 -27.72 5.40 13.13
N GLY E 68 -27.81 6.55 12.47
CA GLY E 68 -26.66 7.08 11.75
C GLY E 68 -25.51 7.42 12.68
N ASN E 69 -25.81 8.03 13.83
CA ASN E 69 -24.78 8.40 14.78
C ASN E 69 -24.11 7.17 15.38
N ALA E 70 -24.90 6.15 15.72
CA ALA E 70 -24.30 4.93 16.26
C ALA E 70 -23.42 4.25 15.22
N TYR E 71 -23.87 4.18 13.98
CA TYR E 71 -23.07 3.56 12.93
C TYR E 71 -21.78 4.35 12.69
N THR E 72 -21.87 5.69 12.66
CA THR E 72 -20.67 6.50 12.50
C THR E 72 -19.70 6.29 13.65
N LEU E 73 -20.21 6.26 14.88
CA LEU E 73 -19.35 6.10 16.05
C LEU E 73 -18.65 4.76 16.03
N VAL E 74 -19.36 3.69 15.67
CA VAL E 74 -18.71 2.38 15.65
C VAL E 74 -17.73 2.28 14.48
N VAL E 75 -18.08 2.84 13.32
CA VAL E 75 -17.23 2.71 12.14
C VAL E 75 -15.93 3.48 12.31
N THR E 76 -16.02 4.73 12.77
CA THR E 76 -14.82 5.56 12.91
C THR E 76 -13.85 4.96 13.93
N CYS E 77 -14.38 4.48 15.05
CA CYS E 77 -13.50 3.92 16.08
C CYS E 77 -12.94 2.57 15.66
N ARG E 78 -13.77 1.70 15.09
CA ARG E 78 -13.35 0.35 14.78
C ARG E 78 -12.37 0.31 13.60
N SER E 79 -12.69 1.04 12.52
CA SER E 79 -11.95 0.91 11.28
C SER E 79 -11.21 2.19 10.90
N LEU E 80 -11.88 3.34 10.85
CA LEU E 80 -11.30 4.56 10.32
C LEU E 80 -10.51 5.29 11.41
N ARG E 81 -9.33 4.75 11.69
CA ARG E 81 -8.41 5.35 12.66
C ARG E 81 -7.13 5.85 12.00
N ALA E 82 -6.42 4.98 11.27
CA ALA E 82 -5.20 5.43 10.59
C ALA E 82 -5.52 6.47 9.53
N VAL E 83 -6.52 6.21 8.69
CA VAL E 83 -7.02 7.22 7.77
C VAL E 83 -8.00 8.13 8.50
N ALA E 84 -8.29 9.28 7.90
CA ALA E 84 -9.23 10.25 8.47
C ALA E 84 -8.75 10.72 9.85
N SER E 85 -7.65 11.47 9.83
CA SER E 85 -7.02 11.96 11.04
C SER E 85 -7.95 12.84 11.87
N MET E 86 -8.99 13.38 11.24
CA MET E 86 -10.04 14.17 11.89
C MET E 86 -10.96 13.30 12.78
N TYR E 87 -10.75 11.99 12.75
CA TYR E 87 -11.69 11.04 13.34
C TYR E 87 -12.05 11.41 14.77
N VAL E 88 -11.08 11.82 15.58
CA VAL E 88 -11.36 12.14 16.98
C VAL E 88 -12.45 13.20 17.07
N TYR E 89 -12.27 14.31 16.33
CA TYR E 89 -13.31 15.33 16.29
C TYR E 89 -14.63 14.73 15.83
N VAL E 90 -14.59 13.91 14.78
CA VAL E 90 -15.81 13.25 14.31
C VAL E 90 -16.47 12.49 15.44
N VAL E 91 -15.66 11.76 16.22
CA VAL E 91 -16.20 10.99 17.34
C VAL E 91 -16.97 11.91 18.27
N ASN E 92 -16.39 13.06 18.61
CA ASN E 92 -17.09 14.02 19.46
C ASN E 92 -18.46 14.34 18.87
N LEU E 93 -18.51 14.67 17.58
CA LEU E 93 -19.79 14.96 16.96
C LEU E 93 -20.71 13.76 17.05
N ALA E 94 -20.18 12.56 16.78
CA ALA E 94 -20.99 11.35 16.84
C ALA E 94 -21.58 11.18 18.23
N LEU E 95 -20.85 11.59 19.26
CA LEU E 95 -21.41 11.57 20.60
C LEU E 95 -22.48 12.62 20.76
N ALA E 96 -22.18 13.86 20.35
CA ALA E 96 -23.05 14.99 20.68
C ALA E 96 -24.44 14.79 20.12
N ASP E 97 -24.55 14.69 18.79
CA ASP E 97 -25.87 14.53 18.18
C ASP E 97 -26.56 13.26 18.64
N LEU E 98 -25.83 12.30 19.22
CA LEU E 98 -26.49 11.19 19.89
C LEU E 98 -27.33 11.69 21.05
N LEU E 99 -26.68 12.29 22.06
CA LEU E 99 -27.38 12.72 23.26
C LEU E 99 -28.49 13.72 22.93
N TYR E 100 -28.22 14.60 21.96
CA TYR E 100 -29.24 15.57 21.54
C TYR E 100 -30.51 14.86 21.10
N LEU E 101 -30.38 13.80 20.31
CA LEU E 101 -31.56 13.09 19.85
C LEU E 101 -32.28 12.37 20.98
N LEU E 102 -31.60 12.13 22.10
CA LEU E 102 -32.29 11.61 23.28
C LEU E 102 -33.38 12.56 23.77
N SER E 103 -33.29 13.84 23.40
CA SER E 103 -34.33 14.79 23.76
C SER E 103 -35.61 14.55 22.96
N ILE E 104 -35.51 13.95 21.77
CA ILE E 104 -36.69 13.74 20.94
C ILE E 104 -37.74 12.88 21.64
N PRO E 105 -37.40 11.73 22.24
CA PRO E 105 -38.45 10.98 22.97
C PRO E 105 -39.11 11.78 24.06
N PHE E 106 -38.35 12.62 24.77
CA PHE E 106 -38.93 13.41 25.87
C PHE E 106 -39.88 14.47 25.34
N ILE E 107 -39.54 15.11 24.22
CA ILE E 107 -40.38 16.17 23.67
C ILE E 107 -41.75 15.61 23.29
N VAL E 108 -41.76 14.47 22.59
CA VAL E 108 -43.03 13.85 22.23
C VAL E 108 -43.67 13.15 23.42
N ALA E 109 -42.93 12.96 24.51
CA ALA E 109 -43.48 12.35 25.71
C ALA E 109 -44.33 13.33 26.51
N THR E 110 -44.42 14.58 26.09
CA THR E 110 -45.23 15.59 26.76
C THR E 110 -46.70 15.46 26.32
N TYR E 111 -47.26 14.27 26.55
CA TYR E 111 -48.65 13.95 26.29
C TYR E 111 -49.14 14.53 24.96
N VAL E 112 -48.43 14.15 23.89
CA VAL E 112 -48.68 14.68 22.55
C VAL E 112 -48.76 16.20 22.59
N THR E 113 -47.63 16.85 22.83
CA THR E 113 -47.48 18.31 22.93
C THR E 113 -48.69 18.95 23.64
N LYS E 114 -48.97 18.43 24.83
CA LYS E 114 -50.14 18.88 25.59
C LYS E 114 -50.03 18.35 27.02
N GLU E 115 -50.96 18.80 27.86
CA GLU E 115 -51.19 18.25 29.19
C GLU E 115 -49.95 18.14 30.07
N TRP E 116 -49.41 16.93 30.21
CA TRP E 116 -48.55 16.58 31.33
C TRP E 116 -47.07 16.69 30.97
N HIS E 117 -46.29 17.22 31.91
CA HIS E 117 -44.83 17.25 31.86
C HIS E 117 -44.27 16.46 33.03
N PHE E 118 -43.04 15.97 32.87
CA PHE E 118 -42.45 15.07 33.87
C PHE E 118 -42.39 15.73 35.25
N GLY E 119 -41.81 16.91 35.34
CA GLY E 119 -41.72 17.59 36.61
C GLY E 119 -40.42 18.37 36.74
N ASP E 120 -40.01 18.57 37.99
CA ASP E 120 -38.80 19.33 38.28
C ASP E 120 -37.57 18.63 37.70
N VAL E 121 -37.42 17.33 37.98
CA VAL E 121 -36.23 16.61 37.52
C VAL E 121 -36.15 16.57 36.01
N GLY E 122 -37.28 16.30 35.34
CA GLY E 122 -37.26 16.22 33.89
C GLY E 122 -36.84 17.53 33.24
N CYS E 123 -37.49 18.63 33.63
CA CYS E 123 -37.16 19.94 33.06
C CYS E 123 -35.72 20.32 33.37
N ARG E 124 -35.31 20.14 34.63
CA ARG E 124 -33.97 20.55 35.06
C ARG E 124 -32.90 19.78 34.31
N VAL E 125 -33.05 18.47 34.15
CA VAL E 125 -32.04 17.68 33.45
C VAL E 125 -32.09 17.98 31.95
N LEU E 126 -33.28 18.04 31.37
CA LEU E 126 -33.41 18.18 29.92
C LEU E 126 -32.87 19.51 29.42
N PHE E 127 -33.14 20.60 30.13
CA PHE E 127 -32.64 21.90 29.68
C PHE E 127 -31.11 21.92 29.64
N GLY E 128 -30.47 21.48 30.73
CA GLY E 128 -29.02 21.45 30.76
C GLY E 128 -28.45 20.53 29.70
N LEU E 129 -29.07 19.35 29.53
CA LEU E 129 -28.60 18.41 28.51
C LEU E 129 -28.68 19.03 27.12
N ASP E 130 -29.81 19.66 26.79
CA ASP E 130 -29.98 20.24 25.47
C ASP E 130 -28.95 21.35 25.23
N PHE E 131 -28.79 22.26 26.19
CA PHE E 131 -27.85 23.36 26.00
C PHE E 131 -26.43 22.86 25.86
N LEU E 132 -26.01 21.96 26.76
CA LEU E 132 -24.64 21.44 26.72
C LEU E 132 -24.37 20.72 25.42
N THR E 133 -25.29 19.87 25.00
CA THR E 133 -25.08 19.08 23.78
C THR E 133 -25.06 19.98 22.55
N MET E 134 -25.97 20.96 22.48
CA MET E 134 -25.99 21.86 21.34
C MET E 134 -24.68 22.63 21.24
N HIS E 135 -24.22 23.17 22.36
CA HIS E 135 -22.97 23.94 22.33
C HIS E 135 -21.79 23.06 21.96
N ALA E 136 -21.74 21.83 22.50
CA ALA E 136 -20.65 20.92 22.16
C ALA E 136 -20.66 20.59 20.66
N SER E 137 -21.83 20.30 20.11
CA SER E 137 -21.92 19.95 18.69
C SER E 137 -21.49 21.12 17.81
N ILE E 138 -21.97 22.33 18.14
CA ILE E 138 -21.63 23.48 17.31
C ILE E 138 -20.14 23.78 17.39
N PHE E 139 -19.56 23.70 18.58
CA PHE E 139 -18.12 23.95 18.71
C PHE E 139 -17.30 22.89 18.00
N THR E 140 -17.74 21.63 18.03
CA THR E 140 -17.06 20.59 17.28
C THR E 140 -17.12 20.86 15.79
N LEU E 141 -18.28 21.31 15.29
CA LEU E 141 -18.39 21.68 13.88
C LEU E 141 -17.44 22.82 13.54
N THR E 142 -17.37 23.83 14.41
CA THR E 142 -16.48 24.97 14.15
C THR E 142 -15.02 24.54 14.11
N VAL E 143 -14.61 23.70 15.06
CA VAL E 143 -13.22 23.24 15.09
C VAL E 143 -12.90 22.41 13.85
N MET E 144 -13.82 21.52 13.46
CA MET E 144 -13.59 20.70 12.27
C MET E 144 -13.50 21.55 11.02
N SER E 145 -14.35 22.57 10.90
CA SER E 145 -14.29 23.48 9.75
C SER E 145 -12.97 24.25 9.74
N SER E 146 -12.51 24.69 10.90
CA SER E 146 -11.23 25.40 10.98
C SER E 146 -10.08 24.49 10.57
N GLU E 147 -10.12 23.23 11.00
CA GLU E 147 -9.07 22.29 10.60
C GLU E 147 -9.09 22.03 9.10
N ARG E 148 -10.29 21.90 8.52
CA ARG E 148 -10.40 21.74 7.07
C ARG E 148 -9.83 22.96 6.35
N TYR E 149 -10.14 24.16 6.84
CA TYR E 149 -9.62 25.38 6.23
C TYR E 149 -8.10 25.43 6.32
N ALA E 150 -7.55 25.07 7.47
CA ALA E 150 -6.10 25.06 7.63
C ALA E 150 -5.44 24.05 6.70
N ALA E 151 -6.07 22.89 6.53
CA ALA E 151 -5.52 21.88 5.62
C ALA E 151 -5.54 22.36 4.18
N VAL E 152 -6.67 22.94 3.74
CA VAL E 152 -6.79 23.32 2.34
C VAL E 152 -5.90 24.52 2.02
N LEU E 153 -5.91 25.53 2.89
CA LEU E 153 -5.12 26.73 2.61
C LEU E 153 -3.62 26.51 2.81
N ARG E 154 -3.24 25.69 3.80
CA ARG E 154 -1.85 25.43 4.12
C ARG E 154 -1.62 23.93 4.14
N PRO E 155 -1.48 23.31 2.96
CA PRO E 155 -1.34 21.84 2.93
C PRO E 155 -0.04 21.34 3.52
N LEU E 156 1.09 21.96 3.19
CA LEU E 156 2.37 21.49 3.68
C LEU E 156 2.46 21.59 5.21
N ASP E 157 2.02 22.71 5.77
CA ASP E 157 2.16 22.94 7.21
C ASP E 157 1.36 21.92 8.01
N THR E 158 0.13 21.64 7.59
CA THR E 158 -0.70 20.70 8.35
C THR E 158 -0.10 19.31 8.38
N VAL E 159 0.46 18.86 7.25
CA VAL E 159 1.19 17.59 7.23
C VAL E 159 2.45 17.66 8.08
N GLN E 160 3.12 18.80 8.12
CA GLN E 160 4.36 18.98 8.88
C GLN E 160 4.09 19.59 10.25
N ARG E 161 2.95 19.27 10.85
CA ARG E 161 2.61 19.76 12.18
C ARG E 161 2.14 18.60 13.04
N PRO E 162 2.58 18.52 14.29
CA PRO E 162 2.11 17.45 15.18
C PRO E 162 0.61 17.52 15.39
N LYS E 163 0.01 16.34 15.58
CA LYS E 163 -1.43 16.22 15.76
C LYS E 163 -1.82 15.88 17.19
N GLY E 164 -0.93 16.15 18.15
CA GLY E 164 -1.24 15.86 19.55
C GLY E 164 -2.21 16.82 20.21
N TYR E 165 -2.48 17.96 19.58
CA TYR E 165 -3.39 18.94 20.15
C TYR E 165 -4.84 18.49 20.10
N ARG E 166 -5.23 17.72 19.08
CA ARG E 166 -6.64 17.51 18.77
C ARG E 166 -7.42 17.03 19.99
N LYS E 167 -6.95 15.96 20.63
CA LYS E 167 -7.66 15.42 21.79
C LYS E 167 -7.93 16.50 22.81
N LEU E 168 -6.90 17.27 23.17
CA LEU E 168 -7.09 18.37 24.12
C LEU E 168 -8.22 19.27 23.68
N LEU E 169 -8.16 19.75 22.42
CA LEU E 169 -9.20 20.64 21.93
C LEU E 169 -10.57 20.01 22.07
N ALA E 170 -10.69 18.71 21.76
CA ALA E 170 -11.97 18.04 21.90
C ALA E 170 -12.52 18.22 23.30
N LEU E 171 -11.72 17.89 24.31
CA LEU E 171 -12.19 18.06 25.68
C LEU E 171 -12.54 19.51 25.95
N GLY E 172 -11.70 20.43 25.48
CA GLY E 172 -11.99 21.84 25.66
C GLY E 172 -13.35 22.21 25.14
N THR E 173 -13.73 21.64 23.98
CA THR E 173 -15.07 21.87 23.45
C THR E 173 -16.12 21.67 24.52
N TRP E 174 -16.16 20.47 25.11
CA TRP E 174 -17.17 20.20 26.12
C TRP E 174 -17.03 21.17 27.28
N LEU E 175 -15.80 21.48 27.70
CA LEU E 175 -15.61 22.42 28.79
C LEU E 175 -16.27 23.75 28.47
N LEU E 176 -16.06 24.26 27.26
CA LEU E 176 -16.68 25.52 26.87
C LEU E 176 -18.20 25.39 26.94
N ALA E 177 -18.74 24.27 26.46
CA ALA E 177 -20.17 24.04 26.54
C ALA E 177 -20.65 24.15 27.99
N LEU E 178 -19.87 23.58 28.92
CA LEU E 178 -20.24 23.68 30.33
C LEU E 178 -20.33 25.13 30.77
N LEU E 179 -19.34 25.94 30.37
CA LEU E 179 -19.34 27.35 30.78
C LEU E 179 -20.57 28.07 30.25
N LEU E 180 -21.21 27.52 29.21
CA LEU E 180 -22.39 28.17 28.66
C LEU E 180 -23.67 27.55 29.21
N THR E 181 -23.59 26.31 29.72
CA THR E 181 -24.80 25.62 30.15
C THR E 181 -24.97 25.59 31.66
N LEU E 182 -23.91 25.86 32.43
CA LEU E 182 -24.01 25.80 33.89
C LEU E 182 -24.98 26.81 34.47
N PRO E 183 -24.96 28.10 34.11
CA PRO E 183 -25.97 29.02 34.66
C PRO E 183 -27.40 28.63 34.31
N VAL E 184 -27.63 28.12 33.10
CA VAL E 184 -28.99 27.73 32.71
C VAL E 184 -29.43 26.51 33.50
N MET E 185 -28.56 25.51 33.61
CA MET E 185 -28.95 24.24 34.23
C MET E 185 -29.39 24.44 35.67
N LEU E 186 -28.82 25.41 36.37
CA LEU E 186 -29.21 25.67 37.75
C LEU E 186 -30.37 26.66 37.82
N ALA E 187 -30.61 27.42 36.74
CA ALA E 187 -31.63 28.46 36.74
C ALA E 187 -33.05 27.93 36.74
N MET E 188 -33.27 26.64 36.50
CA MET E 188 -34.62 26.09 36.51
C MET E 188 -35.24 26.24 37.89
N ARG E 189 -36.26 27.08 38.00
CA ARG E 189 -36.96 27.30 39.26
C ARG E 189 -38.30 26.57 39.33
N LEU E 190 -38.41 25.42 38.65
CA LEU E 190 -39.51 24.48 38.80
C LEU E 190 -40.84 25.03 38.27
N VAL E 191 -41.85 24.15 38.19
CA VAL E 191 -43.20 24.61 37.90
C VAL E 191 -43.72 25.43 39.08
N ARG E 192 -44.34 26.56 38.75
CA ARG E 192 -44.74 27.51 39.78
C ARG E 192 -46.26 27.54 39.98
N ARG E 193 -46.99 27.83 38.92
CA ARG E 193 -48.46 27.96 38.97
C ARG E 193 -48.97 28.11 37.55
N GLY E 194 -50.24 28.49 37.41
CA GLY E 194 -50.88 28.55 36.12
C GLY E 194 -51.00 27.18 35.50
N PRO E 195 -50.30 26.95 34.39
CA PRO E 195 -50.12 25.58 33.91
C PRO E 195 -49.45 24.73 34.97
N LYS E 196 -50.11 23.64 35.36
CA LYS E 196 -49.67 22.84 36.49
C LYS E 196 -48.39 22.04 36.22
N SER E 197 -47.93 21.98 34.97
CA SER E 197 -46.78 21.16 34.63
C SER E 197 -45.69 21.91 33.86
N LEU E 198 -45.89 23.19 33.56
CA LEU E 198 -44.93 23.95 32.77
C LEU E 198 -43.92 24.60 33.72
N CYS E 199 -42.67 24.19 33.63
CA CYS E 199 -41.61 24.86 34.36
C CYS E 199 -41.39 26.26 33.79
N LEU E 200 -41.23 27.23 34.67
CA LEU E 200 -41.06 28.64 34.30
C LEU E 200 -39.67 29.10 34.75
N PRO E 201 -38.63 28.67 34.04
CA PRO E 201 -37.24 28.93 34.50
C PRO E 201 -36.72 30.32 34.14
N ALA E 202 -37.10 31.30 34.95
CA ALA E 202 -36.61 32.68 34.81
C ALA E 202 -36.05 33.12 36.15
N TRP E 203 -34.77 32.83 36.38
CA TRP E 203 -34.10 33.19 37.62
C TRP E 203 -33.72 34.66 37.55
N GLY E 204 -34.68 35.53 37.90
CA GLY E 204 -34.50 36.95 37.77
C GLY E 204 -35.69 37.60 37.07
N PRO E 205 -35.73 38.93 37.07
CA PRO E 205 -36.84 39.64 36.40
C PRO E 205 -36.70 39.62 34.89
N ARG E 206 -36.97 38.48 34.27
CA ARG E 206 -36.85 38.30 32.83
C ARG E 206 -35.43 38.59 32.33
N ALA E 207 -34.44 38.48 33.21
CA ALA E 207 -33.04 38.58 32.82
C ALA E 207 -32.57 37.36 32.05
N HIS E 208 -33.35 36.28 32.03
CA HIS E 208 -32.99 35.11 31.23
C HIS E 208 -32.97 35.44 29.75
N ARG E 209 -33.72 36.47 29.35
CA ARG E 209 -33.73 36.91 27.95
C ARG E 209 -32.34 37.40 27.54
N ALA E 210 -31.67 38.15 28.41
CA ALA E 210 -30.33 38.61 28.11
C ALA E 210 -29.36 37.46 27.95
N TYR E 211 -29.46 36.45 28.83
CA TYR E 211 -28.58 35.29 28.72
C TYR E 211 -28.87 34.50 27.45
N LEU E 212 -30.14 34.40 27.06
CA LEU E 212 -30.48 33.76 25.79
C LEU E 212 -29.91 34.52 24.61
N THR E 213 -29.97 35.85 24.64
CA THR E 213 -29.36 36.64 23.57
C THR E 213 -27.85 36.43 23.53
N LEU E 214 -27.21 36.38 24.70
CA LEU E 214 -25.78 36.12 24.75
C LEU E 214 -25.44 34.76 24.17
N LEU E 215 -26.22 33.74 24.51
CA LEU E 215 -26.00 32.41 23.96
C LEU E 215 -26.24 32.38 22.45
N PHE E 216 -27.23 33.14 21.97
CA PHE E 216 -27.45 33.26 20.53
C PHE E 216 -26.23 33.87 19.85
N ALA E 217 -25.66 34.90 20.46
CA ALA E 217 -24.49 35.56 19.88
C ALA E 217 -23.26 34.65 19.89
N THR E 218 -23.08 33.89 20.97
CA THR E 218 -21.82 33.17 21.14
C THR E 218 -21.88 31.74 20.63
N SER E 219 -23.07 31.19 20.39
CA SER E 219 -23.22 29.78 20.07
C SER E 219 -23.69 29.51 18.65
N ILE E 220 -24.64 30.28 18.13
CA ILE E 220 -25.16 30.01 16.80
C ILE E 220 -24.69 31.09 15.81
N ALA E 221 -24.82 32.36 16.19
CA ALA E 221 -24.44 33.43 15.28
C ALA E 221 -22.93 33.49 15.08
N GLY E 222 -22.16 33.46 16.16
CA GLY E 222 -20.72 33.56 16.10
C GLY E 222 -20.08 32.41 15.35
N PRO E 223 -20.24 31.18 15.87
CA PRO E 223 -19.72 30.02 15.14
C PRO E 223 -20.32 29.87 13.76
N GLY E 224 -21.58 30.28 13.56
CA GLY E 224 -22.15 30.23 12.22
C GLY E 224 -21.41 31.11 11.24
N LEU E 225 -21.13 32.36 11.64
CA LEU E 225 -20.37 33.25 10.78
C LEU E 225 -18.94 32.75 10.57
N LEU E 226 -18.34 32.20 11.63
CA LEU E 226 -16.99 31.66 11.49
C LEU E 226 -16.94 30.52 10.48
N ILE E 227 -17.89 29.59 10.58
CA ILE E 227 -17.96 28.48 9.62
C ILE E 227 -18.22 29.01 8.22
N GLY E 228 -19.11 30.00 8.10
CA GLY E 228 -19.38 30.57 6.80
C GLY E 228 -18.14 31.14 6.14
N LEU E 229 -17.41 31.99 6.87
CA LEU E 229 -16.20 32.59 6.30
C LEU E 229 -15.14 31.54 5.99
N LEU E 230 -14.93 30.60 6.91
CA LEU E 230 -13.90 29.59 6.70
C LEU E 230 -14.21 28.71 5.50
N TYR E 231 -15.47 28.26 5.37
CA TYR E 231 -15.82 27.41 4.25
C TYR E 231 -15.82 28.19 2.94
N ALA E 232 -16.21 29.47 2.97
CA ALA E 232 -16.15 30.28 1.76
C ALA E 232 -14.71 30.43 1.28
N ARG E 233 -13.78 30.71 2.20
CA ARG E 233 -12.38 30.85 1.81
C ARG E 233 -11.80 29.51 1.35
N LEU E 234 -12.20 28.41 2.01
CA LEU E 234 -11.76 27.09 1.59
C LEU E 234 -12.23 26.79 0.17
N ALA E 235 -13.50 27.07 -0.12
CA ALA E 235 -14.03 26.83 -1.46
C ALA E 235 -13.33 27.69 -2.49
N ARG E 236 -13.08 28.96 -2.16
CA ARG E 236 -12.39 29.84 -3.10
C ARG E 236 -10.98 29.34 -3.39
N ALA E 237 -10.25 28.94 -2.34
CA ALA E 237 -8.90 28.44 -2.52
C ALA E 237 -8.87 27.16 -3.34
N TYR E 238 -9.80 26.24 -3.05
CA TYR E 238 -9.84 24.98 -3.80
C TYR E 238 -10.18 25.23 -5.26
N ARG E 239 -11.14 26.11 -5.53
CA ARG E 239 -11.50 26.41 -6.91
C ARG E 239 -10.37 27.09 -7.65
N ARG E 240 -9.63 27.99 -6.98
CA ARG E 240 -8.54 28.69 -7.63
C ARG E 240 -7.36 27.75 -7.91
N SER E 241 -7.02 26.90 -6.94
CA SER E 241 -5.81 26.09 -7.02
C SER E 241 -6.04 24.69 -7.59
N GLN E 242 -7.26 24.38 -8.04
CA GLN E 242 -7.54 23.06 -8.59
C GLN E 242 -8.69 23.18 -9.59
N ARG E 243 -9.07 22.04 -10.16
CA ARG E 243 -10.12 21.95 -11.17
C ARG E 243 -9.80 22.86 -12.37
N ALA E 244 -8.54 22.85 -12.77
CA ALA E 244 -8.10 23.65 -13.91
C ALA E 244 -6.93 22.97 -14.63
N LEU E 257 -18.60 18.73 -6.57
CA LEU E 257 -19.35 17.94 -5.59
C LEU E 257 -18.85 18.22 -4.18
N ARG E 258 -17.53 18.39 -4.04
CA ARG E 258 -16.97 18.69 -2.73
C ARG E 258 -17.41 20.05 -2.23
N LEU E 259 -17.38 21.06 -3.11
CA LEU E 259 -17.88 22.37 -2.75
C LEU E 259 -19.39 22.38 -2.52
N VAL E 260 -20.13 21.49 -3.18
CA VAL E 260 -21.55 21.33 -2.87
C VAL E 260 -21.72 20.90 -1.42
N LEU E 261 -20.94 19.92 -0.98
CA LEU E 261 -21.01 19.50 0.41
C LEU E 261 -20.54 20.61 1.35
N GLY E 262 -19.53 21.38 0.95
CA GLY E 262 -19.09 22.49 1.77
C GLY E 262 -20.16 23.54 1.97
N ILE E 263 -20.88 23.88 0.90
CA ILE E 263 -21.95 24.87 1.01
C ILE E 263 -23.13 24.30 1.79
N VAL E 264 -23.46 23.02 1.57
CA VAL E 264 -24.57 22.40 2.29
C VAL E 264 -24.28 22.37 3.78
N LEU E 265 -23.04 21.99 4.15
CA LEU E 265 -22.66 21.96 5.56
C LEU E 265 -22.93 23.31 6.21
N LEU E 266 -22.42 24.38 5.62
CA LEU E 266 -22.66 25.72 6.14
C LEU E 266 -24.15 25.99 6.27
N PHE E 267 -24.86 26.02 5.14
CA PHE E 267 -26.23 26.53 5.12
C PHE E 267 -27.15 25.71 6.02
N TRP E 268 -27.08 24.38 5.92
CA TRP E 268 -27.94 23.55 6.75
C TRP E 268 -27.47 23.56 8.20
N ALA E 269 -26.24 23.10 8.45
CA ALA E 269 -25.79 22.86 9.81
C ALA E 269 -25.78 24.11 10.67
N CYS E 270 -25.78 25.31 10.07
CA CYS E 270 -25.67 26.48 10.93
C CYS E 270 -26.86 27.42 10.91
N PHE E 271 -27.65 27.48 9.83
CA PHE E 271 -28.60 28.59 9.71
C PHE E 271 -30.06 28.14 9.68
N LEU E 272 -30.45 27.21 8.81
CA LEU E 272 -31.88 26.95 8.62
C LEU E 272 -32.44 26.10 9.76
N PRO E 273 -31.85 24.95 10.12
CA PRO E 273 -32.25 24.28 11.37
C PRO E 273 -32.14 25.13 12.61
N PHE E 274 -31.14 26.01 12.67
CA PHE E 274 -30.96 26.89 13.82
C PHE E 274 -31.80 28.16 13.66
N TRP E 275 -33.08 27.96 13.36
CA TRP E 275 -34.05 29.05 13.33
C TRP E 275 -35.07 28.98 14.45
N LEU E 276 -34.91 28.04 15.39
CA LEU E 276 -35.73 28.06 16.59
C LEU E 276 -35.45 29.33 17.40
N TRP E 277 -34.19 29.74 17.46
CA TRP E 277 -33.82 30.93 18.22
C TRP E 277 -34.60 32.15 17.76
N GLN E 278 -34.83 32.28 16.45
CA GLN E 278 -35.53 33.45 15.92
C GLN E 278 -36.91 33.60 16.55
N LEU E 279 -37.51 32.50 17.00
CA LEU E 279 -38.75 32.60 17.77
C LEU E 279 -38.46 33.01 19.21
N LEU E 280 -37.58 32.27 19.88
CA LEU E 280 -37.35 32.45 21.31
C LEU E 280 -36.63 33.75 21.65
N ALA E 281 -35.75 34.23 20.78
CA ALA E 281 -35.15 35.54 20.95
C ALA E 281 -36.18 36.66 20.85
N GLN E 282 -37.39 36.35 20.38
CA GLN E 282 -38.52 37.25 20.43
C GLN E 282 -39.21 37.24 21.80
N TYR E 283 -38.51 36.78 22.84
CA TYR E 283 -39.04 36.85 24.20
C TYR E 283 -39.32 38.29 24.61
N HIS E 284 -38.72 39.26 23.92
CA HIS E 284 -39.01 40.67 24.20
C HIS E 284 -40.50 40.95 24.08
N GLN E 285 -41.02 40.85 22.85
CA GLN E 285 -42.45 41.00 22.59
C GLN E 285 -42.80 40.51 21.20
N ALA E 286 -43.87 39.72 21.10
CA ALA E 286 -44.33 39.17 19.83
C ALA E 286 -45.74 38.64 20.02
N PRO E 287 -46.66 39.01 19.12
CA PRO E 287 -48.04 38.51 19.23
C PRO E 287 -48.16 37.06 18.78
N LEU E 288 -48.97 36.31 19.52
CA LEU E 288 -49.18 34.90 19.23
C LEU E 288 -50.41 34.41 19.98
N ALA E 289 -51.05 33.41 19.41
CA ALA E 289 -52.11 32.64 20.03
C ALA E 289 -51.59 31.26 20.41
N PRO E 290 -52.14 30.65 21.45
CA PRO E 290 -51.58 29.35 21.90
C PRO E 290 -51.59 28.27 20.83
N ARG E 291 -52.68 28.19 20.05
CA ARG E 291 -52.76 27.17 19.01
C ARG E 291 -51.68 27.36 17.95
N THR E 292 -51.47 28.61 17.52
CA THR E 292 -50.42 28.89 16.56
C THR E 292 -49.05 28.74 17.19
N ALA E 293 -48.90 29.15 18.45
CA ALA E 293 -47.60 29.12 19.11
C ALA E 293 -47.09 27.70 19.27
N ARG E 294 -47.95 26.77 19.69
CA ARG E 294 -47.52 25.39 19.85
C ARG E 294 -47.06 24.80 18.52
N ILE E 295 -47.83 25.05 17.46
CA ILE E 295 -47.50 24.51 16.14
C ILE E 295 -46.17 25.09 15.65
N VAL E 296 -46.00 26.40 15.79
CA VAL E 296 -44.77 27.04 15.34
C VAL E 296 -43.57 26.51 16.12
N ASN E 297 -43.72 26.39 17.44
CA ASN E 297 -42.62 25.90 18.27
C ASN E 297 -42.23 24.48 17.88
N TYR E 298 -43.22 23.59 17.70
CA TYR E 298 -42.90 22.21 17.40
C TYR E 298 -42.41 22.04 15.96
N LEU E 299 -42.78 22.96 15.07
CA LEU E 299 -42.19 22.97 13.74
C LEU E 299 -40.73 23.39 13.78
N THR E 300 -40.44 24.47 14.50
CA THR E 300 -39.07 24.98 14.55
C THR E 300 -38.14 24.03 15.31
N THR E 301 -38.66 23.31 16.30
CA THR E 301 -37.80 22.42 17.10
C THR E 301 -37.24 21.27 16.26
N CYS E 302 -38.06 20.70 15.37
CA CYS E 302 -37.64 19.51 14.64
C CYS E 302 -36.45 19.76 13.72
N LEU E 303 -36.25 21.01 13.29
CA LEU E 303 -35.16 21.32 12.38
C LEU E 303 -33.79 21.09 13.01
N THR E 304 -33.65 21.41 14.30
CA THR E 304 -32.36 21.20 14.98
C THR E 304 -31.99 19.73 14.98
N TYR E 305 -32.95 18.86 15.31
CA TYR E 305 -32.69 17.42 15.24
C TYR E 305 -32.47 16.95 13.82
N GLY E 306 -33.11 17.59 12.83
CA GLY E 306 -32.80 17.28 11.45
C GLY E 306 -31.34 17.56 11.12
N ASN E 307 -30.81 18.67 11.62
CA ASN E 307 -29.39 18.97 11.46
C ASN E 307 -28.52 17.93 12.16
N SER E 308 -28.94 17.52 13.36
CA SER E 308 -28.21 16.47 14.08
C SER E 308 -28.16 15.19 13.27
N CYS E 309 -29.25 14.86 12.57
CA CYS E 309 -29.26 13.69 11.71
C CYS E 309 -28.40 13.89 10.47
N ALA E 310 -28.38 15.11 9.93
CA ALA E 310 -27.67 15.36 8.69
C ALA E 310 -26.16 15.34 8.89
N ASN E 311 -25.69 15.70 10.09
CA ASN E 311 -24.25 15.78 10.33
C ASN E 311 -23.49 14.48 10.06
N PRO E 312 -23.89 13.32 10.61
CA PRO E 312 -23.09 12.10 10.35
C PRO E 312 -23.06 11.70 8.88
N PHE E 313 -24.17 11.90 8.16
CA PHE E 313 -24.18 11.53 6.75
C PHE E 313 -23.23 12.40 5.95
N LEU E 314 -23.17 13.70 6.26
CA LEU E 314 -22.30 14.60 5.51
C LEU E 314 -20.85 14.43 5.91
N TYR E 315 -20.58 14.03 7.15
CA TYR E 315 -19.20 14.03 7.62
C TYR E 315 -18.50 12.70 7.44
N THR E 316 -19.23 11.58 7.55
CA THR E 316 -18.60 10.27 7.51
C THR E 316 -19.10 9.37 6.39
N LEU E 317 -20.42 9.22 6.25
CA LEU E 317 -20.95 8.19 5.36
C LEU E 317 -20.66 8.49 3.89
N LEU E 318 -20.80 9.76 3.49
CA LEU E 318 -20.64 10.10 2.07
C LEU E 318 -19.19 10.29 1.65
N THR E 319 -18.23 10.15 2.57
CA THR E 319 -16.84 10.35 2.21
C THR E 319 -16.27 9.10 1.55
N ARG E 320 -15.12 9.29 0.89
CA ARG E 320 -14.50 8.19 0.15
C ARG E 320 -13.95 7.12 1.08
N ASN E 321 -13.58 7.48 2.31
CA ASN E 321 -13.04 6.49 3.24
C ASN E 321 -14.08 5.44 3.58
N TYR E 322 -15.31 5.86 3.88
CA TYR E 322 -16.36 4.90 4.16
C TYR E 322 -16.76 4.11 2.92
N ARG E 323 -16.66 4.73 1.74
CA ARG E 323 -16.90 4.01 0.50
C ARG E 323 -15.88 2.89 0.31
N ASP E 324 -14.62 3.16 0.62
CA ASP E 324 -13.59 2.12 0.55
C ASP E 324 -13.84 1.04 1.60
N HIS E 325 -14.23 1.44 2.81
CA HIS E 325 -14.51 0.48 3.87
C HIS E 325 -15.79 -0.31 3.60
N LEU E 326 -16.64 0.17 2.70
CA LEU E 326 -17.90 -0.52 2.40
C LEU E 326 -17.67 -1.83 1.67
N ASP F 1 -47.28 28.88 27.97
CA ASP F 1 -46.78 30.21 28.24
C ASP F 1 -46.22 30.89 26.97
N PHE F 3 -42.43 27.83 27.13
CA PHE F 3 -41.02 27.98 27.56
C PHE F 3 -40.11 26.97 26.82
N TRP F 4 -39.06 27.50 25.87
CA TRP F 4 -38.12 26.63 25.10
C TRP F 4 -38.88 25.64 24.20
N LYS F 5 -38.27 24.34 23.84
CA LYS F 5 -38.98 23.39 22.97
C LYS F 5 -40.22 22.81 23.62
N TYR F 6 -40.19 22.39 25.03
CA TYR F 6 -41.37 21.83 25.65
C TYR F 6 -42.51 22.86 25.64
N CYS F 7 -43.89 22.42 25.38
CA CYS F 7 -44.95 23.42 25.34
C CYS F 7 -46.20 23.00 26.12
N VAL F 8 -46.64 23.81 27.23
CA VAL F 8 -47.84 23.49 28.00
C VAL F 8 -48.62 24.78 28.18
#